data_8J62
#
_entry.id   8J62
#
_cell.length_a   1.00
_cell.length_b   1.00
_cell.length_c   1.00
_cell.angle_alpha   90.00
_cell.angle_beta   90.00
_cell.angle_gamma   90.00
#
_symmetry.space_group_name_H-M   'P 1'
#
loop_
_entity.id
_entity.type
_entity.pdbx_description
1 polymer APOBEC3G
2 polymer 'Viral infectivity factor'
3 polymer 'Core binding factor beta'
4 polymer "RNA (5'-R(*CP*GP*GP*UP*UP*GP*AP*UP*UP*GP*UP*UP*UP*UP*AP*AP*CP*AP*A)-3')"
5 non-polymer 'ZINC ION'
#
loop_
_entity_poly.entity_id
_entity_poly.type
_entity_poly.pdbx_seq_one_letter_code
_entity_poly.pdbx_strand_id
1 'polypeptide(L)'
;GPGHMDPDTFSYNFNNRPILSRRNTVWLCYEVERLDNGTWVKMDQHRGQVYSELKYHPEMRFLSLVSKWKLHRDQEYEVT
WYISWSPCTKCARDMATFLQENTHVTLTIFVARLYYFWDPDYQEALRSLAQAGATIKIMNYDEFQHCWSKFVYSQGAPFQ
PWDGLDEYSQALSGMLGEILRHSMDPPTFTFNFNNEPWVRGRHETYLCYEVERMHNDTWVKLNQRRGFLANQAPHKHGFL
EGRHAELCFLDVIPFWKLDLDQDYRVTCFTSWSPCFSCAQEMAKFISKNKHVSLCIKTARIYDDQGRAQEGLRTLAEAGA
KISIMTYSEFKHCWDTFVDHQGAPFQPWDGLDEHSQDLSGRLRAILQNQEN
;
A,B
2 'polypeptide(L)'
;MGHHHHHHSQDPMENRWQVMIVWQVDRMRINTWKRLVKHHMYISRKAKDWFYRHHYESTNPKISSEVHIPLGDAKLVITT
YWGLHTGERDWHLGQGVSIEWRKKRYSTQVDPDLADQLIHLHYFDEASEGSQIKPPLPSVRKLTEDRWNK
;
C,E,G,I
3 'polypeptide(L)'
;MPRVVPDQRSKFENEEFFRKLSRECEIKYTGFRDRPHEERQARFQNACRDGRSEIAFVATGTNLSLQFFPASWQGEQRQT
PSREYVDLEREAGKVYLKAPMILNGVCVIWKGWIDLQRLDGMGCLEFDEERAQQEDALAQQAFEEARRRTREFEDR
;
D,F,H,J
4 'polyribonucleotide' CGGUUGAUUGUUUUAACAAA X,Y
#
loop_
_chem_comp.id
_chem_comp.type
_chem_comp.name
_chem_comp.formula
A RNA linking ADENOSINE-5'-MONOPHOSPHATE 'C10 H14 N5 O7 P'
C RNA linking CYTIDINE-5'-MONOPHOSPHATE 'C9 H14 N3 O8 P'
G RNA linking GUANOSINE-5'-MONOPHOSPHATE 'C10 H14 N5 O8 P'
U RNA linking URIDINE-5'-MONOPHOSPHATE 'C9 H13 N2 O9 P'
ZN non-polymer 'ZINC ION' 'Zn 2'
#
# COMPACT_ATOMS: atom_id res chain seq x y z
N GLY A 3 17.14 9.28 7.74
CA GLY A 3 17.53 10.34 8.65
C GLY A 3 17.04 11.71 8.20
N HIS A 4 16.00 11.73 7.38
CA HIS A 4 15.41 12.96 6.85
C HIS A 4 13.97 13.02 7.34
N MET A 5 13.77 13.59 8.53
CA MET A 5 12.46 13.71 9.15
C MET A 5 12.40 15.04 9.87
N ASP A 6 11.44 15.89 9.50
CA ASP A 6 11.33 17.19 10.14
C ASP A 6 10.90 17.05 11.58
N PRO A 7 11.40 17.91 12.48
CA PRO A 7 11.10 17.77 13.91
C PRO A 7 9.61 17.85 14.23
N ASP A 8 8.84 18.65 13.48
CA ASP A 8 7.43 18.81 13.79
C ASP A 8 6.67 17.50 13.61
N THR A 9 6.98 16.76 12.54
CA THR A 9 6.33 15.46 12.32
C THR A 9 6.66 14.49 13.45
N PHE A 10 7.93 14.43 13.85
CA PHE A 10 8.32 13.54 14.94
C PHE A 10 7.62 13.91 16.23
N SER A 11 7.58 15.20 16.56
CA SER A 11 6.95 15.62 17.80
C SER A 11 5.46 15.33 17.79
N TYR A 12 4.79 15.53 16.65
CA TYR A 12 3.36 15.30 16.58
C TYR A 12 3.02 13.81 16.62
N ASN A 13 3.76 12.99 15.89
CA ASN A 13 3.39 11.60 15.72
C ASN A 13 3.90 10.71 16.86
N PHE A 14 5.07 11.02 17.40
CA PHE A 14 5.70 10.18 18.42
C PHE A 14 5.37 10.62 19.83
N ASN A 15 4.42 11.54 20.00
CA ASN A 15 3.93 11.86 21.34
C ASN A 15 3.41 10.60 22.01
N ASN A 16 3.84 10.35 23.24
CA ASN A 16 3.61 9.08 23.91
C ASN A 16 2.40 9.09 24.83
N ARG A 17 1.48 10.04 24.65
CA ARG A 17 0.26 10.03 25.44
C ARG A 17 -0.56 8.80 25.10
N PRO A 18 -0.98 8.00 26.10
CA PRO A 18 -1.67 6.74 25.79
C PRO A 18 -2.91 6.90 24.93
N ILE A 19 -3.66 7.97 25.12
CA ILE A 19 -4.88 8.23 24.34
C ILE A 19 -4.63 9.48 23.50
N LEU A 20 -4.46 9.27 22.19
CA LEU A 20 -4.21 10.36 21.24
C LEU A 20 -5.12 10.16 20.04
N SER A 21 -6.09 11.06 19.88
CA SER A 21 -7.21 10.84 18.98
C SER A 21 -6.98 11.34 17.56
N ARG A 22 -6.01 12.22 17.33
CA ARG A 22 -5.81 12.83 16.02
C ARG A 22 -4.43 12.51 15.45
N ARG A 23 -3.97 11.28 15.62
CA ARG A 23 -2.75 10.79 14.98
C ARG A 23 -3.18 9.65 14.06
N ASN A 24 -3.58 10.01 12.84
CA ASN A 24 -4.15 9.06 11.90
C ASN A 24 -3.11 8.37 11.04
N THR A 25 -1.85 8.79 11.11
CA THR A 25 -0.77 8.21 10.34
C THR A 25 0.23 7.53 11.26
N VAL A 26 0.86 6.47 10.76
CA VAL A 26 1.81 5.68 11.52
C VAL A 26 3.19 5.88 10.91
N TRP A 27 4.14 6.29 11.73
CA TRP A 27 5.52 6.48 11.32
C TRP A 27 6.38 5.39 11.94
N LEU A 28 7.20 4.74 11.11
CA LEU A 28 8.04 3.63 11.55
C LEU A 28 9.47 3.90 11.13
N CYS A 29 10.35 4.12 12.10
CA CYS A 29 11.78 4.18 11.84
C CYS A 29 12.40 2.81 12.09
N TYR A 30 13.27 2.39 11.19
CA TYR A 30 13.85 1.07 11.24
C TYR A 30 15.36 1.15 11.11
N GLU A 31 16.05 0.27 11.81
CA GLU A 31 17.48 0.09 11.65
C GLU A 31 17.80 -1.41 11.71
N VAL A 32 18.88 -1.80 11.04
CA VAL A 32 19.28 -3.20 10.96
C VAL A 32 20.73 -3.34 11.38
N GLU A 33 21.01 -4.36 12.19
CA GLU A 33 22.36 -4.72 12.61
C GLU A 33 22.68 -6.12 12.13
N ARG A 34 23.96 -6.37 11.87
CA ARG A 34 24.43 -7.66 11.39
C ARG A 34 25.41 -8.26 12.39
N LEU A 35 25.26 -9.55 12.64
CA LEU A 35 26.14 -10.25 13.58
C LEU A 35 27.36 -10.75 12.82
N ASP A 36 28.48 -10.07 13.00
CA ASP A 36 29.75 -10.45 12.38
C ASP A 36 30.80 -10.61 13.47
N ASN A 37 31.52 -11.75 13.43
CA ASN A 37 32.60 -12.03 14.36
C ASN A 37 32.14 -11.93 15.82
N GLY A 38 30.88 -12.26 16.07
CA GLY A 38 30.34 -12.22 17.41
C GLY A 38 29.88 -10.87 17.90
N THR A 39 29.97 -9.83 17.09
CA THR A 39 29.53 -8.49 17.48
C THR A 39 28.52 -7.96 16.47
N TRP A 40 27.62 -7.10 16.95
CA TRP A 40 26.55 -6.55 16.13
C TRP A 40 27.02 -5.22 15.55
N VAL A 41 27.30 -5.20 14.25
CA VAL A 41 27.71 -4.00 13.55
C VAL A 41 26.49 -3.37 12.89
N LYS A 42 26.33 -2.06 13.07
CA LYS A 42 25.20 -1.35 12.49
C LYS A 42 25.36 -1.24 10.97
N MET A 43 24.23 -1.31 10.27
CA MET A 43 24.19 -1.12 8.83
C MET A 43 23.75 0.32 8.56
N ASP A 44 24.70 1.13 8.06
CA ASP A 44 24.44 2.56 7.93
C ASP A 44 23.40 2.84 6.85
N GLN A 45 23.42 2.09 5.75
CA GLN A 45 22.53 2.32 4.63
C GLN A 45 21.25 1.52 4.69
N HIS A 46 21.11 0.61 5.66
CA HIS A 46 19.91 -0.22 5.81
C HIS A 46 18.98 0.31 6.89
N ARG A 47 18.94 1.62 7.09
CA ARG A 47 18.09 2.22 8.10
C ARG A 47 17.39 3.44 7.51
N GLY A 48 16.22 3.75 8.06
CA GLY A 48 15.44 4.87 7.55
C GLY A 48 14.12 5.00 8.29
N GLN A 49 13.16 5.63 7.62
CA GLN A 49 11.84 5.80 8.19
C GLN A 49 10.80 5.81 7.07
N VAL A 50 9.63 5.26 7.37
CA VAL A 50 8.52 5.17 6.41
C VAL A 50 7.24 5.61 7.10
N TYR A 51 6.41 6.34 6.38
CA TYR A 51 5.11 6.75 6.88
C TYR A 51 4.05 5.74 6.44
N SER A 52 2.79 6.05 6.74
CA SER A 52 1.69 5.12 6.52
C SER A 52 0.71 5.67 5.49
N GLU A 53 0.04 4.75 4.81
CA GLU A 53 -1.09 5.07 3.94
C GLU A 53 -2.35 4.43 4.48
N LEU A 54 -3.49 4.94 4.01
CA LEU A 54 -4.79 4.42 4.46
C LEU A 54 -4.94 2.94 4.12
N LYS A 55 -4.36 2.50 3.01
CA LYS A 55 -4.41 1.10 2.62
C LYS A 55 -3.08 0.39 2.77
N TYR A 56 -1.98 1.14 2.90
CA TYR A 56 -0.64 0.59 3.00
C TYR A 56 -0.04 0.99 4.34
N HIS A 57 0.11 0.02 5.24
CA HIS A 57 0.71 0.26 6.54
C HIS A 57 2.24 0.21 6.43
N PRO A 58 2.95 0.88 7.35
CA PRO A 58 4.42 0.89 7.28
C PRO A 58 5.03 -0.50 7.42
N GLU A 59 4.36 -1.43 8.10
CA GLU A 59 4.90 -2.77 8.27
C GLU A 59 5.03 -3.49 6.92
N MET A 60 4.02 -3.34 6.05
CA MET A 60 4.09 -3.96 4.73
C MET A 60 5.20 -3.33 3.89
N ARG A 61 5.36 -2.01 3.98
CA ARG A 61 6.44 -1.35 3.26
C ARG A 61 7.80 -1.82 3.75
N PHE A 62 7.94 -2.01 5.07
CA PHE A 62 9.20 -2.52 5.60
C PHE A 62 9.44 -3.97 5.16
N LEU A 63 8.38 -4.77 5.08
CA LEU A 63 8.54 -6.13 4.58
C LEU A 63 9.01 -6.13 3.12
N SER A 64 8.44 -5.24 2.30
CA SER A 64 8.90 -5.11 0.93
C SER A 64 10.35 -4.66 0.86
N LEU A 65 10.73 -3.72 1.72
CA LEU A 65 12.12 -3.26 1.77
C LEU A 65 13.07 -4.39 2.15
N VAL A 66 12.66 -5.22 3.13
CA VAL A 66 13.48 -6.35 3.53
C VAL A 66 13.62 -7.34 2.38
N SER A 67 12.52 -7.60 1.67
CA SER A 67 12.58 -8.51 0.52
C SER A 67 13.52 -7.96 -0.55
N LYS A 68 13.52 -6.65 -0.74
CA LYS A 68 14.41 -6.04 -1.73
C LYS A 68 15.86 -5.99 -1.26
N TRP A 69 16.09 -6.00 0.06
CA TRP A 69 17.45 -5.87 0.58
C TRP A 69 18.31 -7.07 0.25
N LYS A 70 17.69 -8.23 0.04
CA LYS A 70 18.41 -9.47 -0.27
C LYS A 70 19.41 -9.82 0.83
N LEU A 71 18.92 -9.85 2.06
CA LEU A 71 19.79 -10.17 3.19
C LEU A 71 20.27 -11.61 3.10
N HIS A 72 21.55 -11.81 3.43
CA HIS A 72 22.11 -13.16 3.39
C HIS A 72 21.43 -14.05 4.42
N ARG A 73 21.06 -15.26 3.99
CA ARG A 73 20.39 -16.20 4.88
C ARG A 73 21.34 -16.87 5.87
N ASP A 74 22.65 -16.79 5.63
CA ASP A 74 23.64 -17.41 6.51
C ASP A 74 24.18 -16.42 7.55
N GLN A 75 23.53 -15.28 7.72
CA GLN A 75 23.92 -14.29 8.71
C GLN A 75 22.74 -13.96 9.61
N GLU A 76 23.06 -13.51 10.82
CA GLU A 76 22.05 -13.14 11.81
C GLU A 76 21.83 -11.63 11.76
N TYR A 77 20.58 -11.22 11.70
CA TYR A 77 20.21 -9.81 11.64
C TYR A 77 19.33 -9.46 12.83
N GLU A 78 19.55 -8.28 13.40
CA GLU A 78 18.73 -7.75 14.47
C GLU A 78 18.16 -6.43 14.00
N VAL A 79 16.83 -6.34 13.94
CA VAL A 79 16.13 -5.20 13.39
C VAL A 79 15.43 -4.46 14.53
N THR A 80 15.74 -3.18 14.68
CA THR A 80 15.11 -2.34 15.68
C THR A 80 14.08 -1.44 15.01
N TRP A 81 12.88 -1.41 15.60
CA TRP A 81 11.76 -0.59 15.14
C TRP A 81 11.44 0.47 16.19
N TYR A 82 11.09 1.66 15.71
CA TYR A 82 10.56 2.74 16.54
C TYR A 82 9.30 3.22 15.84
N ILE A 83 8.14 2.86 16.36
CA ILE A 83 6.87 3.07 15.68
C ILE A 83 5.94 3.87 16.59
N SER A 84 5.19 4.80 16.00
CA SER A 84 4.33 5.67 16.78
C SER A 84 3.14 4.92 17.34
N TRP A 85 2.52 4.06 16.53
CA TRP A 85 1.40 3.22 16.98
C TRP A 85 1.84 1.76 16.95
N SER A 86 1.40 1.01 17.95
CA SER A 86 1.67 -0.42 17.96
C SER A 86 0.96 -1.08 16.78
N PRO A 87 1.53 -2.15 16.22
CA PRO A 87 0.96 -2.74 15.00
C PRO A 87 -0.46 -3.25 15.22
N CYS A 88 -1.29 -3.10 14.19
CA CYS A 88 -2.68 -3.53 14.23
C CYS A 88 -2.74 -5.04 14.10
N THR A 89 -3.97 -5.58 14.00
CA THR A 89 -4.15 -7.02 13.92
C THR A 89 -3.50 -7.59 12.65
N LYS A 90 -3.79 -6.98 11.50
CA LYS A 90 -3.22 -7.48 10.25
C LYS A 90 -1.70 -7.33 10.24
N CYS A 91 -1.19 -6.19 10.70
CA CYS A 91 0.24 -5.97 10.73
C CYS A 91 0.94 -6.94 11.67
N ALA A 92 0.38 -7.15 12.86
CA ALA A 92 0.97 -8.11 13.79
C ALA A 92 0.94 -9.52 13.23
N ARG A 93 -0.18 -9.89 12.60
CA ARG A 93 -0.30 -11.19 11.94
C ARG A 93 0.81 -11.38 10.90
N ASP A 94 0.96 -10.41 9.99
CA ASP A 94 1.93 -10.54 8.92
C ASP A 94 3.36 -10.54 9.45
N MET A 95 3.64 -9.73 10.46
CA MET A 95 4.97 -9.73 11.04
C MET A 95 5.26 -11.06 11.74
N ALA A 96 4.24 -11.64 12.38
CA ALA A 96 4.43 -12.93 13.04
C ALA A 96 4.74 -14.02 12.03
N THR A 97 3.98 -14.09 10.94
CA THR A 97 4.26 -15.13 9.95
C THR A 97 5.59 -14.89 9.25
N PHE A 98 5.95 -13.62 9.01
CA PHE A 98 7.25 -13.32 8.42
C PHE A 98 8.39 -13.75 9.33
N LEU A 99 8.27 -13.49 10.63
CA LEU A 99 9.31 -13.90 11.57
C LEU A 99 9.38 -15.41 11.68
N GLN A 100 8.23 -16.09 11.62
CA GLN A 100 8.23 -17.56 11.62
C GLN A 100 8.92 -18.10 10.37
N GLU A 101 8.69 -17.47 9.21
CA GLU A 101 9.31 -17.90 7.97
C GLU A 101 10.74 -17.37 7.80
N ASN A 102 11.19 -16.46 8.65
CA ASN A 102 12.54 -15.90 8.58
C ASN A 102 13.16 -16.01 9.97
N THR A 103 13.79 -17.15 10.25
CA THR A 103 14.36 -17.39 11.57
C THR A 103 15.76 -16.78 11.74
N HIS A 104 16.36 -16.29 10.66
CA HIS A 104 17.69 -15.70 10.76
C HIS A 104 17.66 -14.22 11.15
N VAL A 105 16.48 -13.62 11.25
CA VAL A 105 16.34 -12.21 11.61
C VAL A 105 15.43 -12.12 12.84
N THR A 106 15.85 -11.34 13.82
CA THR A 106 15.08 -11.07 15.02
C THR A 106 14.67 -9.61 15.04
N LEU A 107 13.55 -9.32 15.71
CA LEU A 107 12.95 -7.99 15.69
C LEU A 107 12.67 -7.52 17.10
N THR A 108 13.13 -6.31 17.41
CA THR A 108 12.74 -5.60 18.63
C THR A 108 11.95 -4.37 18.22
N ILE A 109 10.86 -4.09 18.95
CA ILE A 109 9.95 -3.01 18.60
C ILE A 109 9.78 -2.10 19.81
N PHE A 110 9.97 -0.80 19.60
CA PHE A 110 9.62 0.22 20.57
C PHE A 110 8.42 0.98 20.01
N VAL A 111 7.39 1.15 20.84
CA VAL A 111 6.15 1.81 20.44
C VAL A 111 6.00 3.09 21.24
N ALA A 112 5.71 4.18 20.54
CA ALA A 112 5.41 5.43 21.23
C ALA A 112 4.07 5.36 21.93
N ARG A 113 3.09 4.71 21.32
CA ARG A 113 1.76 4.53 21.90
C ARG A 113 1.28 3.11 21.62
N LEU A 114 0.36 2.64 22.46
CA LEU A 114 -0.26 1.34 22.27
C LEU A 114 -1.59 1.53 21.54
N TYR A 115 -1.70 0.93 20.36
CA TYR A 115 -2.90 1.08 19.54
C TYR A 115 -3.97 0.10 20.00
N TYR A 116 -5.08 0.64 20.50
CA TYR A 116 -6.21 -0.17 20.96
C TYR A 116 -5.77 -1.19 22.01
N PHE A 117 -5.03 -0.70 23.02
CA PHE A 117 -4.55 -1.59 24.08
C PHE A 117 -5.68 -2.20 24.89
N TRP A 118 -6.86 -1.61 24.85
CA TRP A 118 -8.04 -2.15 25.51
C TRP A 118 -8.82 -3.12 24.64
N ASP A 119 -8.46 -3.25 23.37
CA ASP A 119 -9.17 -4.13 22.45
C ASP A 119 -8.64 -5.56 22.60
N PRO A 120 -9.49 -6.55 22.89
CA PRO A 120 -9.00 -7.93 22.97
C PRO A 120 -8.35 -8.43 21.69
N ASP A 121 -8.87 -8.03 20.52
CA ASP A 121 -8.28 -8.46 19.26
C ASP A 121 -6.85 -7.94 19.14
N TYR A 122 -6.64 -6.67 19.48
CA TYR A 122 -5.30 -6.11 19.42
C TYR A 122 -4.39 -6.74 20.47
N GLN A 123 -4.96 -7.11 21.62
CA GLN A 123 -4.17 -7.79 22.64
C GLN A 123 -3.68 -9.15 22.15
N GLU A 124 -4.56 -9.93 21.52
CA GLU A 124 -4.10 -11.23 21.02
C GLU A 124 -3.14 -11.06 19.86
N ALA A 125 -3.34 -10.02 19.03
CA ALA A 125 -2.37 -9.75 17.97
C ALA A 125 -0.99 -9.44 18.53
N LEU A 126 -0.93 -8.59 19.55
CA LEU A 126 0.35 -8.27 20.19
C LEU A 126 0.96 -9.50 20.86
N ARG A 127 0.13 -10.31 21.51
CA ARG A 127 0.63 -11.52 22.16
C ARG A 127 1.18 -12.51 21.14
N SER A 128 0.50 -12.67 20.00
CA SER A 128 0.99 -13.54 18.95
C SER A 128 2.30 -13.01 18.36
N LEU A 129 2.39 -11.69 18.18
CA LEU A 129 3.63 -11.11 17.68
C LEU A 129 4.78 -11.35 18.66
N ALA A 130 4.51 -11.21 19.96
CA ALA A 130 5.53 -11.50 20.97
C ALA A 130 5.92 -12.97 20.97
N GLN A 131 4.93 -13.86 20.82
CA GLN A 131 5.21 -15.30 20.80
C GLN A 131 5.99 -15.69 19.55
N ALA A 132 5.84 -14.93 18.46
CA ALA A 132 6.59 -15.20 17.24
C ALA A 132 8.08 -14.92 17.39
N GLY A 133 8.49 -14.26 18.48
CA GLY A 133 9.87 -13.93 18.72
C GLY A 133 10.17 -12.45 18.75
N ALA A 134 9.22 -11.62 18.34
CA ALA A 134 9.44 -10.17 18.36
C ALA A 134 9.46 -9.65 19.79
N THR A 135 10.36 -8.70 20.05
CA THR A 135 10.46 -8.05 21.35
C THR A 135 9.73 -6.71 21.28
N ILE A 136 8.72 -6.55 22.13
CA ILE A 136 7.91 -5.34 22.16
C ILE A 136 8.26 -4.57 23.42
N LYS A 137 8.66 -3.32 23.26
CA LYS A 137 9.04 -2.46 24.36
C LYS A 137 8.36 -1.11 24.23
N ILE A 138 8.30 -0.37 25.33
CA ILE A 138 7.74 0.96 25.35
C ILE A 138 8.85 1.97 25.15
N MET A 139 8.66 2.90 24.22
CA MET A 139 9.69 3.86 23.86
C MET A 139 9.81 4.91 24.95
N ASN A 140 10.91 4.84 25.71
CA ASN A 140 11.17 5.77 26.81
C ASN A 140 11.93 6.98 26.27
N TYR A 141 12.42 7.82 27.18
CA TYR A 141 13.14 9.03 26.78
C TYR A 141 14.41 8.71 26.00
N ASP A 142 15.07 7.59 26.33
CA ASP A 142 16.34 7.27 25.70
C ASP A 142 16.17 7.00 24.20
N GLU A 143 15.21 6.16 23.83
CA GLU A 143 14.98 5.90 22.42
C GLU A 143 14.35 7.09 21.72
N PHE A 144 13.60 7.94 22.43
CA PHE A 144 13.14 9.18 21.83
C PHE A 144 14.31 10.08 21.44
N GLN A 145 15.29 10.22 22.34
CA GLN A 145 16.49 10.99 22.03
C GLN A 145 17.29 10.33 20.90
N HIS A 146 17.35 9.00 20.90
CA HIS A 146 18.07 8.30 19.84
C HIS A 146 17.42 8.54 18.48
N CYS A 147 16.08 8.50 18.42
CA CYS A 147 15.38 8.79 17.17
C CYS A 147 15.56 10.24 16.76
N TRP A 148 15.55 11.15 17.73
CA TRP A 148 15.78 12.56 17.41
C TRP A 148 17.16 12.78 16.81
N SER A 149 18.18 12.13 17.37
CA SER A 149 19.55 12.34 16.90
C SER A 149 19.91 11.44 15.73
N LYS A 150 19.05 10.49 15.36
CA LYS A 150 19.35 9.53 14.30
C LYS A 150 18.43 9.64 13.10
N PHE A 151 17.11 9.61 13.30
CA PHE A 151 16.16 9.59 12.21
C PHE A 151 15.55 10.96 11.90
N VAL A 152 15.71 11.94 12.79
CA VAL A 152 15.06 13.23 12.67
C VAL A 152 16.03 14.24 12.11
N TYR A 153 15.62 14.97 11.06
CA TYR A 153 16.43 16.03 10.47
C TYR A 153 16.30 17.28 11.33
N SER A 154 16.96 17.23 12.50
CA SER A 154 16.90 18.31 13.47
C SER A 154 17.90 19.42 13.20
N GLN A 155 18.82 19.23 12.26
CA GLN A 155 19.84 20.22 11.92
C GLN A 155 20.65 20.65 13.15
N GLY A 156 20.95 19.69 14.02
CA GLY A 156 21.72 19.96 15.21
C GLY A 156 20.94 20.47 16.40
N ALA A 157 19.63 20.68 16.26
CA ALA A 157 18.83 21.16 17.37
C ALA A 157 18.73 20.08 18.45
N PRO A 158 18.79 20.45 19.73
CA PRO A 158 18.64 19.46 20.79
C PRO A 158 17.21 18.97 20.92
N PHE A 159 17.08 17.75 21.44
CA PHE A 159 15.76 17.16 21.64
C PHE A 159 15.04 17.87 22.79
N GLN A 160 13.79 18.24 22.56
CA GLN A 160 12.97 18.89 23.57
C GLN A 160 11.81 17.97 23.93
N PRO A 161 11.89 17.23 25.03
CA PRO A 161 10.79 16.32 25.39
C PRO A 161 9.52 17.08 25.73
N TRP A 162 8.39 16.45 25.41
CA TRP A 162 7.09 17.03 25.72
C TRP A 162 6.74 16.80 27.19
N ASP A 163 5.70 17.48 27.65
CA ASP A 163 5.29 17.37 29.03
C ASP A 163 4.72 15.99 29.32
N GLY A 164 5.11 15.44 30.48
CA GLY A 164 4.61 14.15 30.90
C GLY A 164 5.15 12.96 30.14
N LEU A 165 6.32 13.09 29.52
CA LEU A 165 6.87 11.98 28.74
C LEU A 165 7.16 10.77 29.63
N ASP A 166 7.76 11.00 30.80
CA ASP A 166 8.11 9.88 31.68
C ASP A 166 6.88 9.21 32.27
N GLU A 167 5.88 10.01 32.67
CA GLU A 167 4.65 9.44 33.21
C GLU A 167 3.93 8.61 32.16
N TYR A 168 3.84 9.11 30.94
CA TYR A 168 3.21 8.35 29.87
C TYR A 168 3.99 7.09 29.57
N SER A 169 5.33 7.18 29.58
CA SER A 169 6.16 6.00 29.35
C SER A 169 5.92 4.94 30.42
N GLN A 170 5.86 5.35 31.69
CA GLN A 170 5.60 4.40 32.76
C GLN A 170 4.22 3.76 32.64
N ALA A 171 3.21 4.58 32.33
CA ALA A 171 1.86 4.02 32.17
C ALA A 171 1.79 3.05 31.02
N LEU A 172 2.43 3.37 29.89
CA LEU A 172 2.44 2.47 28.75
C LEU A 172 3.25 1.21 29.03
N SER A 173 4.33 1.32 29.81
CA SER A 173 5.07 0.14 30.21
C SER A 173 4.21 -0.78 31.06
N GLY A 174 3.45 -0.21 32.00
CA GLY A 174 2.54 -1.02 32.79
C GLY A 174 1.47 -1.69 31.95
N MET A 175 0.89 -0.94 31.01
CA MET A 175 -0.13 -1.50 30.13
C MET A 175 0.43 -2.62 29.27
N LEU A 176 1.64 -2.42 28.73
CA LEU A 176 2.26 -3.46 27.90
C LEU A 176 2.61 -4.69 28.73
N GLY A 177 3.07 -4.50 29.96
CA GLY A 177 3.31 -5.63 30.84
C GLY A 177 2.04 -6.40 31.15
N GLU A 178 0.94 -5.69 31.35
CA GLU A 178 -0.35 -6.36 31.57
C GLU A 178 -0.78 -7.12 30.32
N ILE A 179 -0.60 -6.53 29.15
CA ILE A 179 -1.03 -7.18 27.91
C ILE A 179 -0.19 -8.43 27.63
N LEU A 180 1.13 -8.32 27.77
CA LEU A 180 2.02 -9.43 27.46
C LEU A 180 2.04 -10.50 28.55
N ARG A 181 1.40 -10.25 29.69
CA ARG A 181 1.32 -11.22 30.79
C ARG A 181 2.72 -11.59 31.29
N HIS A 182 3.51 -10.57 31.58
CA HIS A 182 4.87 -10.78 32.08
C HIS A 182 4.87 -11.38 33.47
N ASN B 15 -20.79 32.67 22.35
CA ASN B 15 -19.59 32.14 21.71
C ASN B 15 -18.51 33.21 21.61
N ARG B 16 -17.37 32.97 22.26
CA ARG B 16 -16.24 33.87 22.23
C ARG B 16 -15.19 33.36 21.24
N TRP B 17 -14.70 34.25 20.39
CA TRP B 17 -13.77 33.88 19.33
C TRP B 17 -12.47 34.67 19.48
N GLN B 18 -11.39 34.07 18.96
CA GLN B 18 -10.09 34.74 18.86
C GLN B 18 -9.78 34.94 17.38
N VAL B 19 -9.50 36.18 17.00
CA VAL B 19 -9.35 36.55 15.60
C VAL B 19 -7.88 36.75 15.29
N MET B 20 -7.40 36.07 14.25
CA MET B 20 -6.01 36.18 13.81
C MET B 20 -5.96 36.19 12.29
N ILE B 21 -5.09 37.04 11.74
CA ILE B 21 -4.90 37.13 10.31
C ILE B 21 -3.84 36.11 9.92
N VAL B 22 -4.23 35.11 9.13
CA VAL B 22 -3.36 34.02 8.74
C VAL B 22 -3.14 34.08 7.23
N TRP B 23 -1.89 34.14 6.81
CA TRP B 23 -1.53 34.13 5.40
C TRP B 23 -1.37 32.68 4.94
N GLN B 24 -2.20 32.27 3.98
CA GLN B 24 -2.16 30.89 3.50
C GLN B 24 -0.93 30.68 2.63
N VAL B 25 -0.15 29.66 2.96
CA VAL B 25 1.10 29.36 2.27
C VAL B 25 1.20 27.85 2.10
N ASP B 26 1.66 27.41 0.93
CA ASP B 26 1.73 25.99 0.63
C ASP B 26 2.76 25.29 1.50
N ARG B 27 2.73 23.95 1.46
CA ARG B 27 3.58 23.15 2.33
C ARG B 27 5.07 23.36 2.03
N MET B 28 5.42 23.48 0.75
CA MET B 28 6.82 23.60 0.38
C MET B 28 7.45 24.85 0.98
N ARG B 29 6.75 25.98 0.94
CA ARG B 29 7.30 27.20 1.50
C ARG B 29 7.40 27.12 3.02
N ILE B 30 6.44 26.47 3.67
CA ILE B 30 6.52 26.27 5.12
C ILE B 30 7.75 25.46 5.47
N ASN B 31 7.97 24.36 4.75
CA ASN B 31 9.14 23.52 5.02
C ASN B 31 10.43 24.26 4.76
N THR B 32 10.48 25.04 3.68
CA THR B 32 11.68 25.82 3.38
C THR B 32 11.96 26.84 4.47
N TRP B 33 10.91 27.53 4.94
CA TRP B 33 11.09 28.51 6.00
C TRP B 33 11.59 27.85 7.28
N LYS B 34 10.99 26.72 7.66
CA LYS B 34 11.42 26.03 8.87
C LYS B 34 12.87 25.57 8.78
N ARG B 35 13.23 24.97 7.64
CA ARG B 35 14.60 24.50 7.47
C ARG B 35 15.59 25.64 7.46
N LEU B 36 15.26 26.75 6.80
CA LEU B 36 16.16 27.90 6.78
C LEU B 36 16.35 28.49 8.17
N VAL B 37 15.25 28.62 8.93
CA VAL B 37 15.34 29.18 10.27
C VAL B 37 16.17 28.27 11.17
N LYS B 38 15.95 26.95 11.09
CA LYS B 38 16.72 26.04 11.93
C LYS B 38 18.18 25.98 11.51
N HIS B 39 18.47 26.11 10.20
CA HIS B 39 19.86 26.16 9.75
C HIS B 39 20.55 27.42 10.24
N HIS B 40 19.85 28.55 10.23
CA HIS B 40 20.45 29.79 10.71
C HIS B 40 20.43 29.91 12.23
N MET B 41 19.77 28.99 12.93
CA MET B 41 19.81 28.98 14.39
C MET B 41 20.98 28.18 14.95
N TYR B 42 21.43 27.14 14.24
CA TYR B 42 22.40 26.22 14.83
C TYR B 42 23.63 26.02 13.96
N ILE B 43 23.46 25.97 12.63
CA ILE B 43 24.59 25.73 11.74
C ILE B 43 25.33 27.04 11.49
N SER B 44 24.64 28.02 10.91
CA SER B 44 25.19 29.35 10.68
C SER B 44 24.52 30.28 11.69
N ARG B 45 25.14 30.38 12.87
CA ARG B 45 24.51 31.03 14.03
C ARG B 45 24.53 32.55 13.89
N LYS B 46 23.82 33.05 12.89
CA LYS B 46 23.51 34.48 12.82
C LYS B 46 22.23 34.81 13.58
N ALA B 47 21.19 34.01 13.37
CA ALA B 47 19.95 34.11 14.13
C ALA B 47 19.96 33.17 15.33
N LYS B 48 21.02 33.26 16.15
CA LYS B 48 21.15 32.39 17.31
C LYS B 48 20.29 32.81 18.48
N ASP B 49 19.78 34.04 18.48
CA ASP B 49 18.91 34.53 19.54
C ASP B 49 17.46 34.17 19.34
N TRP B 50 17.10 33.61 18.18
CA TRP B 50 15.72 33.25 17.92
C TRP B 50 15.32 32.03 18.74
N PHE B 51 14.14 32.07 19.35
CA PHE B 51 13.61 30.97 20.14
C PHE B 51 12.59 30.20 19.33
N TYR B 52 12.80 28.90 19.20
CA TYR B 52 11.92 28.02 18.44
C TYR B 52 11.11 27.17 19.41
N ARG B 53 9.85 27.56 19.62
CA ARG B 53 8.96 26.80 20.48
C ARG B 53 8.15 25.82 19.63
N HIS B 54 8.11 24.56 20.07
CA HIS B 54 7.49 23.50 19.30
C HIS B 54 5.96 23.57 19.41
N HIS B 55 5.30 22.68 18.68
CA HIS B 55 3.85 22.73 18.58
C HIS B 55 3.15 22.26 19.85
N TYR B 56 3.79 21.43 20.67
CA TYR B 56 3.13 20.92 21.87
C TYR B 56 3.16 21.90 23.03
N GLU B 57 3.83 23.03 22.89
CA GLU B 57 3.89 24.04 23.94
C GLU B 57 2.79 25.09 23.80
N SER B 58 1.91 24.96 22.82
CA SER B 58 0.83 25.91 22.60
C SER B 58 -0.52 25.24 22.81
N THR B 59 -1.43 25.95 23.46
CA THR B 59 -2.77 25.41 23.70
C THR B 59 -3.60 25.34 22.43
N ASN B 60 -3.22 26.08 21.39
CA ASN B 60 -3.94 26.02 20.11
C ASN B 60 -3.64 24.70 19.43
N PRO B 61 -4.66 23.87 19.14
CA PRO B 61 -4.39 22.56 18.54
C PRO B 61 -3.92 22.62 17.09
N LYS B 62 -4.06 23.76 16.42
CA LYS B 62 -3.71 23.89 15.01
C LYS B 62 -2.51 24.81 14.82
N ILE B 63 -1.52 24.69 15.70
CA ILE B 63 -0.26 25.41 15.54
C ILE B 63 0.83 24.39 15.22
N SER B 64 1.47 24.54 14.06
CA SER B 64 2.54 23.64 13.65
C SER B 64 3.88 24.03 14.24
N SER B 65 4.19 25.32 14.26
CA SER B 65 5.47 25.77 14.77
C SER B 65 5.35 27.23 15.23
N GLU B 66 6.31 27.65 16.04
CA GLU B 66 6.32 29.01 16.57
C GLU B 66 7.76 29.47 16.70
N VAL B 67 8.09 30.57 16.04
CA VAL B 67 9.44 31.14 16.07
C VAL B 67 9.37 32.49 16.76
N HIS B 68 10.15 32.65 17.82
CA HIS B 68 10.22 33.89 18.58
C HIS B 68 11.52 34.60 18.23
N ILE B 69 11.41 35.87 17.85
CA ILE B 69 12.57 36.68 17.48
C ILE B 69 12.63 37.87 18.42
N PRO B 70 13.58 37.91 19.37
CA PRO B 70 13.66 39.03 20.30
C PRO B 70 14.11 40.31 19.60
N LEU B 71 13.29 41.35 19.73
CA LEU B 71 13.60 42.68 19.21
C LEU B 71 13.55 43.64 20.40
N GLY B 72 14.72 44.04 20.90
CA GLY B 72 14.76 44.86 22.09
C GLY B 72 14.14 44.12 23.26
N ASP B 73 13.17 44.77 23.92
CA ASP B 73 12.45 44.16 25.01
C ASP B 73 11.15 43.48 24.56
N ALA B 74 10.86 43.50 23.26
CA ALA B 74 9.67 42.87 22.70
C ALA B 74 10.08 41.64 21.89
N LYS B 75 9.08 40.96 21.33
CA LYS B 75 9.39 39.81 20.49
C LYS B 75 8.43 39.73 19.33
N LEU B 76 8.97 39.41 18.16
CA LEU B 76 8.20 39.13 16.96
C LEU B 76 7.97 37.62 16.88
N VAL B 77 6.70 37.22 16.93
CA VAL B 77 6.32 35.82 16.92
C VAL B 77 5.75 35.49 15.56
N ILE B 78 6.35 34.51 14.90
CA ILE B 78 5.87 33.98 13.62
C ILE B 78 5.37 32.57 13.90
N THR B 79 4.07 32.36 13.83
CA THR B 79 3.47 31.06 14.14
C THR B 79 2.89 30.47 12.86
N THR B 80 3.32 29.26 12.54
CA THR B 80 2.84 28.53 11.37
C THR B 80 1.83 27.50 11.82
N TYR B 81 0.67 27.48 11.15
CA TYR B 81 -0.46 26.63 11.47
C TYR B 81 -0.61 25.55 10.40
N TRP B 82 -1.03 24.37 10.85
CA TRP B 82 -1.36 23.26 9.97
C TRP B 82 -2.77 22.78 10.25
N GLY B 83 -3.34 22.06 9.29
CA GLY B 83 -4.68 21.52 9.45
C GLY B 83 -5.76 22.56 9.56
N LEU B 84 -5.61 23.69 8.87
CA LEU B 84 -6.65 24.70 8.84
C LEU B 84 -7.65 24.37 7.74
N HIS B 85 -8.61 25.27 7.54
CA HIS B 85 -9.57 25.09 6.45
C HIS B 85 -8.86 25.26 5.11
N THR B 86 -9.37 24.56 4.10
CA THR B 86 -8.79 24.64 2.77
C THR B 86 -8.94 26.05 2.21
N GLY B 87 -7.96 26.45 1.40
CA GLY B 87 -7.98 27.74 0.76
C GLY B 87 -8.68 27.70 -0.58
N GLU B 88 -8.78 28.89 -1.19
CA GLU B 88 -9.37 28.99 -2.52
C GLU B 88 -8.47 28.35 -3.57
N ARG B 89 -7.16 28.48 -3.42
CA ARG B 89 -6.23 27.93 -4.39
C ARG B 89 -6.05 26.43 -4.16
N ASP B 90 -5.42 25.78 -5.14
CA ASP B 90 -5.28 24.32 -5.10
C ASP B 90 -4.39 23.88 -3.96
N TRP B 91 -3.27 24.58 -3.73
CA TRP B 91 -2.26 24.13 -2.78
C TRP B 91 -2.38 24.82 -1.43
N HIS B 92 -3.45 25.57 -1.19
CA HIS B 92 -3.76 26.09 0.16
C HIS B 92 -4.58 25.03 0.88
N LEU B 93 -3.87 24.02 1.38
CA LEU B 93 -4.49 22.81 1.91
C LEU B 93 -4.74 22.86 3.41
N GLY B 94 -4.45 23.99 4.07
CA GLY B 94 -4.72 24.11 5.48
C GLY B 94 -3.54 24.53 6.31
N GLN B 95 -2.50 25.05 5.66
CA GLN B 95 -1.31 25.56 6.33
C GLN B 95 -1.21 27.07 6.11
N GLY B 96 -0.80 27.80 7.14
CA GLY B 96 -0.71 29.24 7.04
C GLY B 96 0.33 29.78 8.00
N VAL B 97 0.54 31.09 7.93
CA VAL B 97 1.50 31.78 8.78
C VAL B 97 0.86 33.06 9.29
N SER B 98 1.03 33.34 10.59
CA SER B 98 0.59 34.59 11.18
C SER B 98 1.75 35.20 11.95
N ILE B 99 1.98 36.50 11.74
CA ILE B 99 3.09 37.22 12.32
C ILE B 99 2.54 38.31 13.23
N GLU B 100 3.05 38.38 14.45
CA GLU B 100 2.62 39.39 15.40
C GLU B 100 3.82 39.90 16.18
N TRP B 101 3.65 41.03 16.84
CA TRP B 101 4.67 41.67 17.65
C TRP B 101 4.08 41.90 19.04
N ARG B 102 4.74 41.37 20.06
CA ARG B 102 4.22 41.47 21.42
C ARG B 102 5.25 42.06 22.36
N LYS B 103 4.77 42.93 23.25
CA LYS B 103 5.55 43.57 24.30
C LYS B 103 4.67 43.70 25.53
N LYS B 104 5.11 43.10 26.64
CA LYS B 104 4.43 43.21 27.93
C LYS B 104 2.95 42.85 27.81
N ARG B 105 2.70 41.68 27.24
CA ARG B 105 1.34 41.14 27.05
C ARG B 105 0.48 42.05 26.19
N TYR B 106 1.10 42.83 25.30
CA TYR B 106 0.39 43.63 24.31
C TYR B 106 0.85 43.15 22.94
N SER B 107 -0.07 42.51 22.20
CA SER B 107 0.23 41.92 20.90
C SER B 107 -0.52 42.64 19.80
N THR B 108 0.18 42.91 18.69
CA THR B 108 -0.42 43.50 17.51
C THR B 108 0.04 42.73 16.28
N GLN B 109 -0.90 42.43 15.39
CA GLN B 109 -0.56 41.73 14.16
C GLN B 109 0.28 42.63 13.25
N VAL B 110 1.26 42.03 12.58
CA VAL B 110 2.22 42.76 11.76
C VAL B 110 2.25 42.14 10.38
N ASP B 111 2.22 42.98 9.34
CA ASP B 111 2.31 42.49 7.98
C ASP B 111 3.72 41.96 7.72
N PRO B 112 3.85 41.03 6.76
CA PRO B 112 5.17 40.43 6.49
C PRO B 112 6.24 41.43 6.10
N ASP B 113 5.90 42.49 5.36
CA ASP B 113 6.90 43.47 4.96
C ASP B 113 7.48 44.18 6.18
N LEU B 114 6.61 44.59 7.11
CA LEU B 114 7.09 45.25 8.33
C LEU B 114 7.91 44.29 9.17
N ALA B 115 7.52 43.02 9.22
CA ALA B 115 8.28 42.02 9.95
C ALA B 115 9.68 41.86 9.38
N ASP B 116 9.78 41.79 8.05
CA ASP B 116 11.09 41.68 7.40
C ASP B 116 11.92 42.94 7.65
N GLN B 117 11.29 44.11 7.62
CA GLN B 117 12.01 45.34 7.92
C GLN B 117 12.55 45.33 9.34
N LEU B 118 11.76 44.87 10.30
CA LEU B 118 12.23 44.76 11.68
C LEU B 118 13.38 43.77 11.80
N ILE B 119 13.27 42.64 11.10
CA ILE B 119 14.33 41.62 11.15
C ILE B 119 15.64 42.19 10.61
N HIS B 120 15.57 42.88 9.47
CA HIS B 120 16.77 43.48 8.90
C HIS B 120 17.28 44.64 9.74
N LEU B 121 16.40 45.31 10.50
CA LEU B 121 16.86 46.38 11.36
C LEU B 121 17.59 45.85 12.58
N HIS B 122 17.13 44.72 13.14
CA HIS B 122 17.68 44.20 14.39
C HIS B 122 18.68 43.07 14.18
N TYR B 123 18.66 42.39 13.06
CA TYR B 123 19.53 41.22 12.91
C TYR B 123 20.41 41.26 11.67
N PHE B 124 19.90 41.77 10.55
CA PHE B 124 20.68 41.79 9.32
C PHE B 124 20.62 43.15 8.64
N LYS B 134 25.24 29.68 -1.00
CA LYS B 134 24.85 29.89 0.39
C LYS B 134 23.34 29.78 0.56
N PRO B 135 22.89 29.32 1.71
CA PRO B 135 21.46 29.27 1.99
C PRO B 135 20.91 30.66 2.24
N PRO B 136 19.81 31.03 1.58
CA PRO B 136 19.27 32.39 1.77
C PRO B 136 18.79 32.61 3.19
N LEU B 137 18.88 33.87 3.63
CA LEU B 137 18.43 34.23 4.96
C LEU B 137 16.91 34.09 5.04
N PRO B 138 16.38 33.69 6.20
CA PRO B 138 14.92 33.49 6.32
C PRO B 138 14.19 34.84 6.26
N SER B 139 13.33 34.98 5.26
CA SER B 139 12.54 36.18 5.05
C SER B 139 11.06 35.85 5.11
N VAL B 140 10.31 36.65 5.87
CA VAL B 140 8.88 36.42 6.00
C VAL B 140 8.14 36.75 4.71
N ARG B 141 8.62 37.74 3.96
CA ARG B 141 7.93 38.15 2.74
C ARG B 141 7.93 37.02 1.71
N LYS B 142 9.05 36.32 1.55
CA LYS B 142 9.10 35.21 0.61
C LYS B 142 8.22 34.05 1.08
N LEU B 143 8.15 33.82 2.39
CA LEU B 143 7.32 32.74 2.92
C LEU B 143 5.84 33.02 2.69
N THR B 144 5.40 34.26 2.96
CA THR B 144 3.98 34.59 2.93
C THR B 144 3.49 35.02 1.56
N GLU B 145 4.36 35.29 0.59
CA GLU B 145 3.91 35.74 -0.71
C GLU B 145 3.15 34.64 -1.43
N ASP B 146 2.07 35.02 -2.10
CA ASP B 146 1.20 34.08 -2.80
C ASP B 146 1.68 33.95 -4.24
N ARG B 147 2.33 32.84 -4.55
CA ARG B 147 2.79 32.55 -5.91
C ARG B 147 1.72 31.91 -6.75
N TRP B 148 0.56 31.57 -6.17
CA TRP B 148 -0.54 30.98 -6.91
C TRP B 148 -1.61 31.98 -7.31
N ASN B 149 -1.54 33.22 -6.80
CA ASN B 149 -2.48 34.27 -7.17
C ASN B 149 -1.84 35.34 -8.04
N LYS B 150 -0.63 35.12 -8.52
CA LYS B 150 0.06 36.09 -9.36
C LYS B 150 1.02 35.40 -10.32
N PHE C 17 -0.87 49.10 2.46
CA PHE C 17 -1.27 47.81 2.98
C PHE C 17 -2.70 47.86 3.52
N PHE C 18 -2.96 48.86 4.36
CA PHE C 18 -4.32 49.05 4.88
C PHE C 18 -5.30 49.41 3.78
N ARG C 19 -4.86 50.27 2.83
CA ARG C 19 -5.75 50.73 1.78
C ARG C 19 -6.17 49.58 0.85
N LYS C 20 -5.28 48.62 0.62
CA LYS C 20 -5.63 47.49 -0.25
C LYS C 20 -6.80 46.70 0.32
N LEU C 21 -6.81 46.48 1.63
CA LEU C 21 -7.93 45.77 2.25
C LEU C 21 -9.16 46.66 2.41
N SER C 22 -8.96 47.96 2.66
CA SER C 22 -10.09 48.84 2.93
C SER C 22 -10.86 49.19 1.67
N ARG C 23 -10.17 49.38 0.54
CA ARG C 23 -10.82 49.88 -0.67
C ARG C 23 -11.69 48.81 -1.30
N GLU C 24 -11.09 47.71 -1.73
CA GLU C 24 -11.81 46.62 -2.39
C GLU C 24 -11.41 45.31 -1.74
N CYS C 25 -12.39 44.57 -1.24
CA CYS C 25 -12.15 43.28 -0.59
C CYS C 25 -13.44 42.49 -0.52
N GLU C 26 -13.37 41.22 -0.91
CA GLU C 26 -14.49 40.31 -0.81
C GLU C 26 -14.01 39.01 -0.18
N ILE C 27 -14.91 38.38 0.58
CA ILE C 27 -14.57 37.20 1.37
C ILE C 27 -15.48 36.05 0.99
N LYS C 28 -14.97 34.84 1.17
CA LYS C 28 -15.75 33.63 0.89
C LYS C 28 -15.28 32.52 1.83
N TYR C 29 -16.15 31.53 2.00
CA TYR C 29 -15.86 30.39 2.87
C TYR C 29 -15.51 29.17 2.02
N THR C 30 -14.37 28.57 2.30
CA THR C 30 -13.87 27.41 1.57
C THR C 30 -13.40 26.33 2.55
N GLY C 31 -14.16 26.14 3.63
CA GLY C 31 -13.71 25.24 4.68
C GLY C 31 -13.57 23.81 4.22
N PHE C 32 -14.57 23.29 3.51
CA PHE C 32 -14.56 21.93 3.00
C PHE C 32 -14.92 22.00 1.51
N ARG C 33 -13.91 22.23 0.68
CA ARG C 33 -14.17 22.40 -0.75
C ARG C 33 -14.32 21.07 -1.48
N ASP C 34 -13.98 19.95 -0.86
CA ASP C 34 -14.16 18.64 -1.48
C ASP C 34 -15.53 18.02 -1.18
N ARG C 35 -16.38 18.70 -0.41
CA ARG C 35 -17.67 18.17 -0.02
C ARG C 35 -18.79 18.86 -0.79
N PRO C 36 -19.95 18.23 -0.91
CA PRO C 36 -21.07 18.87 -1.63
C PRO C 36 -21.53 20.14 -0.94
N HIS C 37 -22.18 21.01 -1.72
CA HIS C 37 -22.50 22.35 -1.25
C HIS C 37 -23.44 22.32 -0.05
N GLU C 38 -24.40 21.38 -0.05
CA GLU C 38 -25.31 21.26 1.09
C GLU C 38 -24.55 20.86 2.36
N GLU C 39 -23.61 19.93 2.22
CA GLU C 39 -22.79 19.54 3.38
C GLU C 39 -21.94 20.70 3.85
N ARG C 40 -21.42 21.50 2.92
CA ARG C 40 -20.67 22.69 3.31
C ARG C 40 -21.54 23.66 4.10
N GLN C 41 -22.77 23.88 3.63
CA GLN C 41 -23.69 24.76 4.35
C GLN C 41 -23.97 24.23 5.75
N ALA C 42 -24.22 22.92 5.87
CA ALA C 42 -24.49 22.34 7.18
C ALA C 42 -23.29 22.47 8.11
N ARG C 43 -22.09 22.21 7.59
CA ARG C 43 -20.89 22.32 8.40
C ARG C 43 -20.67 23.76 8.87
N PHE C 44 -20.86 24.73 7.97
CA PHE C 44 -20.70 26.12 8.34
C PHE C 44 -21.74 26.55 9.36
N GLN C 45 -22.99 26.10 9.20
CA GLN C 45 -24.02 26.41 10.18
C GLN C 45 -23.66 25.84 11.55
N ASN C 46 -23.17 24.59 11.60
CA ASN C 46 -22.79 24.01 12.86
C ASN C 46 -21.65 24.80 13.50
N ALA C 47 -20.61 25.10 12.72
CA ALA C 47 -19.45 25.80 13.25
C ALA C 47 -19.79 27.21 13.73
N CYS C 48 -20.78 27.85 13.10
CA CYS C 48 -21.24 29.14 13.59
C CYS C 48 -22.13 29.00 14.81
N ARG C 49 -22.87 27.89 14.92
CA ARG C 49 -23.78 27.71 16.05
C ARG C 49 -23.01 27.42 17.34
N ASP C 50 -22.01 26.55 17.29
CA ASP C 50 -21.20 26.26 18.48
C ASP C 50 -19.79 26.79 18.26
N GLY C 51 -19.21 27.38 19.30
CA GLY C 51 -17.89 27.98 19.20
C GLY C 51 -16.77 26.99 19.46
N ARG C 52 -16.96 25.75 19.04
CA ARG C 52 -15.96 24.70 19.23
C ARG C 52 -15.19 24.39 17.95
N SER C 53 -15.49 25.06 16.85
CA SER C 53 -14.83 24.82 15.58
C SER C 53 -14.43 26.15 14.96
N GLU C 54 -13.26 26.18 14.31
CA GLU C 54 -12.78 27.37 13.66
C GLU C 54 -13.51 27.62 12.34
N ILE C 55 -13.63 28.90 11.98
CA ILE C 55 -14.20 29.30 10.70
C ILE C 55 -13.21 30.25 10.02
N ALA C 56 -12.90 29.98 8.76
CA ALA C 56 -11.94 30.76 8.00
C ALA C 56 -12.62 31.38 6.79
N PHE C 57 -12.30 32.65 6.53
CA PHE C 57 -12.82 33.37 5.37
C PHE C 57 -11.64 33.89 4.56
N VAL C 58 -11.61 33.54 3.28
CA VAL C 58 -10.47 33.82 2.42
C VAL C 58 -10.81 34.99 1.51
N ALA C 59 -9.89 35.95 1.40
CA ALA C 59 -10.03 37.00 0.40
C ALA C 59 -9.87 36.39 -0.99
N THR C 60 -10.78 36.74 -1.89
CA THR C 60 -10.78 36.12 -3.21
C THR C 60 -9.53 36.48 -4.01
N GLY C 61 -9.11 37.74 -3.95
CA GLY C 61 -8.00 38.20 -4.75
C GLY C 61 -6.61 37.91 -4.23
N THR C 62 -6.49 37.44 -2.99
CA THR C 62 -5.19 37.21 -2.38
C THR C 62 -5.22 35.90 -1.58
N ASN C 63 -4.13 35.64 -0.88
CA ASN C 63 -4.04 34.49 0.02
C ASN C 63 -4.38 34.86 1.46
N LEU C 64 -4.82 36.08 1.70
CA LEU C 64 -5.18 36.50 3.04
C LEU C 64 -6.40 35.74 3.55
N SER C 65 -6.34 35.34 4.81
CA SER C 65 -7.41 34.59 5.46
C SER C 65 -7.67 35.16 6.84
N LEU C 66 -8.95 35.24 7.21
CA LEU C 66 -9.39 35.66 8.53
C LEU C 66 -9.93 34.41 9.23
N GLN C 67 -9.28 34.02 10.32
CA GLN C 67 -9.64 32.82 11.05
C GLN C 67 -10.19 33.19 12.42
N PHE C 68 -11.37 32.65 12.75
CA PHE C 68 -12.01 32.89 14.05
C PHE C 68 -11.74 31.67 14.92
N PHE C 69 -10.60 31.68 15.60
CA PHE C 69 -10.32 30.58 16.51
C PHE C 69 -11.17 30.71 17.77
N PRO C 70 -11.59 29.59 18.36
CA PRO C 70 -12.30 29.66 19.63
C PRO C 70 -11.43 30.26 20.71
N ALA C 71 -12.08 30.97 21.65
CA ALA C 71 -11.35 31.64 22.72
C ALA C 71 -10.64 30.67 23.65
N SER C 72 -11.06 29.40 23.67
CA SER C 72 -10.38 28.41 24.50
C SER C 72 -9.04 27.98 23.92
N TRP C 73 -8.78 28.28 22.65
CA TRP C 73 -7.53 27.88 22.01
C TRP C 73 -6.38 28.84 22.26
N GLN C 74 -6.65 30.01 22.85
CA GLN C 74 -5.58 30.97 23.12
C GLN C 74 -5.16 30.91 24.59
N ARG C 83 -15.84 41.37 22.25
CA ARG C 83 -16.73 42.12 21.38
C ARG C 83 -16.56 41.70 19.92
N GLU C 84 -15.94 40.53 19.73
CA GLU C 84 -15.80 39.91 18.42
C GLU C 84 -16.85 38.79 18.34
N TYR C 85 -17.72 38.86 17.35
CA TYR C 85 -18.86 37.96 17.29
C TYR C 85 -19.09 37.44 15.87
N VAL C 86 -19.71 36.27 15.80
CA VAL C 86 -20.31 35.74 14.60
C VAL C 86 -21.76 35.44 14.93
N ASP C 87 -22.68 35.82 14.04
CA ASP C 87 -24.09 35.68 14.40
C ASP C 87 -24.94 35.44 13.16
N LEU C 88 -26.10 34.83 13.39
CA LEU C 88 -27.10 34.57 12.35
C LEU C 88 -28.39 35.33 12.60
N GLU C 89 -28.60 35.87 13.80
CA GLU C 89 -29.91 36.41 14.17
C GLU C 89 -30.18 37.76 13.52
N ARG C 90 -29.15 38.48 13.08
CA ARG C 90 -29.37 39.79 12.48
C ARG C 90 -30.20 39.71 11.21
N GLU C 91 -29.96 38.71 10.38
CA GLU C 91 -30.72 38.53 9.15
C GLU C 91 -30.82 37.05 8.85
N ALA C 92 -32.01 36.61 8.44
CA ALA C 92 -32.21 35.20 8.09
C ALA C 92 -31.45 34.87 6.81
N GLY C 93 -30.78 33.73 6.81
CA GLY C 93 -29.99 33.33 5.67
C GLY C 93 -28.69 34.08 5.49
N LYS C 94 -28.21 34.76 6.52
CA LYS C 94 -26.96 35.51 6.45
C LYS C 94 -26.18 35.34 7.74
N VAL C 95 -24.87 35.46 7.63
CA VAL C 95 -23.95 35.40 8.76
C VAL C 95 -23.18 36.71 8.81
N TYR C 96 -23.23 37.37 9.96
CA TYR C 96 -22.55 38.64 10.18
C TYR C 96 -21.39 38.43 11.13
N LEU C 97 -20.26 39.06 10.80
CA LEU C 97 -18.98 38.82 11.46
C LEU C 97 -18.38 40.17 11.86
N LYS C 98 -18.06 40.31 13.14
CA LYS C 98 -17.38 41.50 13.65
C LYS C 98 -16.11 41.04 14.36
N ALA C 99 -14.96 41.57 13.94
CA ALA C 99 -13.67 41.13 14.46
C ALA C 99 -12.76 42.33 14.70
N PRO C 100 -12.69 42.82 15.94
CA PRO C 100 -11.69 43.85 16.26
C PRO C 100 -10.31 43.22 16.45
N MET C 101 -9.30 43.88 15.91
CA MET C 101 -7.93 43.39 16.04
C MET C 101 -6.97 44.56 15.92
N ILE C 102 -5.84 44.46 16.62
CA ILE C 102 -4.79 45.47 16.56
C ILE C 102 -3.81 45.05 15.48
N LEU C 103 -3.83 45.76 14.36
CA LEU C 103 -2.97 45.47 13.23
C LEU C 103 -1.93 46.58 13.09
N ASN C 104 -0.67 46.20 13.03
CA ASN C 104 0.44 47.14 12.85
C ASN C 104 0.42 48.26 13.89
N GLY C 105 -0.04 47.92 15.09
CA GLY C 105 -0.06 48.86 16.18
C GLY C 105 -1.27 49.75 16.26
N VAL C 106 -2.19 49.68 15.29
CA VAL C 106 -3.41 50.48 15.30
C VAL C 106 -4.60 49.54 15.34
N CYS C 107 -5.55 49.84 16.22
CA CYS C 107 -6.75 49.02 16.32
C CYS C 107 -7.66 49.26 15.13
N VAL C 108 -8.13 48.18 14.51
CA VAL C 108 -9.05 48.23 13.39
C VAL C 108 -10.15 47.19 13.63
N ILE C 109 -11.21 47.29 12.83
CA ILE C 109 -12.31 46.36 12.88
C ILE C 109 -12.45 45.69 11.52
N TRP C 110 -12.87 44.44 11.52
CA TRP C 110 -13.20 43.71 10.30
C TRP C 110 -14.69 43.40 10.34
N LYS C 111 -15.43 43.99 9.41
CA LYS C 111 -16.87 43.78 9.31
C LYS C 111 -17.17 42.97 8.06
N GLY C 112 -17.91 41.89 8.22
CA GLY C 112 -18.21 41.02 7.09
C GLY C 112 -19.59 40.41 7.19
N TRP C 113 -20.05 39.93 6.04
CA TRP C 113 -21.31 39.21 5.95
C TRP C 113 -21.22 38.26 4.78
N ILE C 114 -21.74 37.04 4.98
CA ILE C 114 -21.84 36.06 3.90
C ILE C 114 -23.20 35.38 3.98
N ASP C 115 -23.82 35.16 2.82
CA ASP C 115 -25.13 34.52 2.85
C ASP C 115 -24.99 33.00 2.90
N LEU C 116 -26.03 32.35 3.41
CA LEU C 116 -25.98 30.92 3.69
C LEU C 116 -25.80 30.09 2.42
N GLN C 117 -26.55 30.43 1.36
CA GLN C 117 -26.63 29.56 0.20
C GLN C 117 -25.30 29.49 -0.55
N ARG C 118 -24.71 30.64 -0.85
CA ARG C 118 -23.50 30.67 -1.67
C ARG C 118 -22.22 30.62 -0.84
N LEU C 119 -22.30 30.76 0.48
CA LEU C 119 -21.13 30.80 1.35
C LEU C 119 -20.14 31.87 0.88
N ASP C 120 -20.68 33.02 0.47
CA ASP C 120 -19.89 34.12 -0.08
C ASP C 120 -20.47 35.42 0.45
N GLY C 121 -19.68 36.48 0.36
CA GLY C 121 -20.16 37.77 0.81
C GLY C 121 -19.08 38.83 0.78
N MET C 122 -19.34 39.91 1.50
CA MET C 122 -18.47 41.08 1.52
C MET C 122 -17.87 41.24 2.90
N GLY C 123 -16.55 41.44 2.95
CA GLY C 123 -15.85 41.70 4.20
C GLY C 123 -14.75 42.73 4.01
N CYS C 124 -14.64 43.67 4.95
CA CYS C 124 -13.70 44.77 4.79
C CYS C 124 -13.27 45.31 6.14
N LEU C 125 -12.14 46.01 6.11
CA LEU C 125 -11.56 46.64 7.29
C LEU C 125 -12.02 48.09 7.41
N GLU C 126 -12.20 48.52 8.67
CA GLU C 126 -12.57 49.90 8.97
C GLU C 126 -11.81 50.34 10.22
N PHE C 127 -11.78 51.65 10.44
CA PHE C 127 -11.16 52.22 11.62
C PHE C 127 -12.18 52.37 12.74
N ASP C 128 -11.83 51.88 13.92
CA ASP C 128 -12.72 51.97 15.07
C ASP C 128 -12.15 52.89 16.15
N MET D 20 -29.52 -13.66 25.52
CA MET D 20 -29.20 -12.62 24.54
C MET D 20 -28.86 -13.23 23.18
N ILE D 21 -29.35 -12.60 22.12
CA ILE D 21 -29.09 -13.04 20.75
C ILE D 21 -27.99 -12.18 20.16
N VAL D 22 -26.92 -12.82 19.70
CA VAL D 22 -25.77 -12.12 19.12
C VAL D 22 -25.55 -12.66 17.71
N TRP D 23 -25.44 -11.75 16.75
CA TRP D 23 -25.21 -12.11 15.35
C TRP D 23 -23.72 -11.94 15.03
N GLN D 24 -23.14 -12.97 14.41
CA GLN D 24 -21.73 -12.91 14.07
C GLN D 24 -21.49 -11.90 12.96
N VAL D 25 -20.54 -10.99 13.17
CA VAL D 25 -20.22 -9.93 12.22
C VAL D 25 -18.71 -9.78 12.14
N ASP D 26 -18.23 -9.40 10.97
CA ASP D 26 -16.82 -9.10 10.78
C ASP D 26 -16.46 -7.78 11.47
N ARG D 27 -15.17 -7.63 11.79
CA ARG D 27 -14.72 -6.42 12.47
C ARG D 27 -14.82 -5.20 11.57
N MET D 28 -14.68 -5.37 10.25
CA MET D 28 -14.77 -4.24 9.34
C MET D 28 -16.16 -3.61 9.37
N ARG D 29 -17.19 -4.45 9.40
CA ARG D 29 -18.55 -3.92 9.47
C ARG D 29 -18.81 -3.21 10.79
N ILE D 30 -18.25 -3.73 11.88
CA ILE D 30 -18.37 -3.05 13.17
C ILE D 30 -17.69 -1.68 13.13
N ASN D 31 -16.50 -1.62 12.53
CA ASN D 31 -15.80 -0.34 12.41
C ASN D 31 -16.59 0.65 11.57
N THR D 32 -17.15 0.18 10.45
CA THR D 32 -17.96 1.07 9.61
C THR D 32 -19.20 1.55 10.36
N TRP D 33 -19.85 0.65 11.12
CA TRP D 33 -21.02 1.03 11.90
C TRP D 33 -20.68 2.10 12.92
N LYS D 34 -19.61 1.90 13.68
CA LYS D 34 -19.25 2.87 14.71
C LYS D 34 -18.80 4.19 14.10
N ARG D 35 -18.09 4.14 12.97
CA ARG D 35 -17.67 5.38 12.31
C ARG D 35 -18.88 6.16 11.81
N LEU D 36 -19.84 5.48 11.18
CA LEU D 36 -21.04 6.16 10.70
C LEU D 36 -21.86 6.73 11.85
N VAL D 37 -21.95 5.98 12.95
CA VAL D 37 -22.71 6.46 14.11
C VAL D 37 -22.05 7.71 14.68
N LYS D 38 -20.73 7.69 14.86
CA LYS D 38 -20.02 8.85 15.38
C LYS D 38 -20.18 10.04 14.43
N HIS D 39 -20.07 9.79 13.13
CA HIS D 39 -20.27 10.86 12.15
C HIS D 39 -21.65 11.50 12.30
N HIS D 40 -22.69 10.67 12.35
CA HIS D 40 -24.05 11.21 12.34
C HIS D 40 -24.45 11.82 13.68
N MET D 41 -23.77 11.50 14.78
CA MET D 41 -24.06 12.21 16.01
C MET D 41 -23.15 13.43 16.25
N TYR D 42 -22.01 13.54 15.57
CA TYR D 42 -21.11 14.65 15.82
C TYR D 42 -21.02 15.64 14.67
N ILE D 43 -20.71 15.19 13.46
CA ILE D 43 -20.48 16.09 12.35
C ILE D 43 -21.79 16.35 11.60
N SER D 44 -22.40 15.27 11.11
CA SER D 44 -23.65 15.42 10.36
C SER D 44 -24.78 15.91 11.26
N ARG D 45 -24.78 15.48 12.53
CA ARG D 45 -25.76 15.89 13.53
C ARG D 45 -27.20 15.48 13.15
N LYS D 46 -27.35 14.57 12.20
CA LYS D 46 -28.68 14.04 11.90
C LYS D 46 -29.17 13.14 13.02
N ALA D 47 -28.26 12.43 13.68
CA ALA D 47 -28.57 11.57 14.82
C ALA D 47 -27.90 12.09 16.09
N LYS D 48 -27.88 13.42 16.27
CA LYS D 48 -27.20 14.01 17.42
C LYS D 48 -27.87 13.64 18.74
N ASP D 49 -29.15 13.29 18.73
CA ASP D 49 -29.84 12.90 19.95
C ASP D 49 -29.40 11.54 20.46
N TRP D 50 -28.68 10.77 19.66
CA TRP D 50 -28.21 9.46 20.09
C TRP D 50 -27.10 9.61 21.14
N PHE D 51 -26.86 8.52 21.87
CA PHE D 51 -25.81 8.47 22.86
C PHE D 51 -24.84 7.33 22.53
N TYR D 52 -23.57 7.55 22.80
CA TYR D 52 -22.53 6.57 22.51
C TYR D 52 -21.78 6.26 23.81
N ARG D 53 -21.92 5.03 24.30
CA ARG D 53 -21.23 4.57 25.49
C ARG D 53 -20.02 3.74 25.08
N HIS D 54 -18.86 4.12 25.60
CA HIS D 54 -17.60 3.48 25.24
C HIS D 54 -17.41 2.21 26.04
N HIS D 55 -16.26 1.54 25.82
CA HIS D 55 -15.97 0.29 26.50
C HIS D 55 -15.78 0.50 27.99
N TYR D 56 -15.10 1.57 28.40
CA TYR D 56 -14.74 1.76 29.80
C TYR D 56 -15.92 2.14 30.68
N GLU D 57 -17.07 2.48 30.10
CA GLU D 57 -18.27 2.76 30.88
C GLU D 57 -19.19 1.55 31.02
N SER D 58 -18.76 0.38 30.57
CA SER D 58 -19.54 -0.83 30.64
C SER D 58 -18.87 -1.84 31.56
N THR D 59 -19.65 -2.46 32.44
CA THR D 59 -19.10 -3.45 33.36
C THR D 59 -18.74 -4.75 32.64
N ASN D 60 -19.41 -5.06 31.54
CA ASN D 60 -19.14 -6.28 30.79
C ASN D 60 -17.81 -6.14 30.06
N PRO D 61 -16.83 -7.01 30.33
CA PRO D 61 -15.54 -6.90 29.62
C PRO D 61 -15.63 -7.16 28.14
N LYS D 62 -16.67 -7.86 27.67
CA LYS D 62 -16.78 -8.22 26.26
C LYS D 62 -17.49 -7.17 25.41
N ILE D 63 -18.07 -6.14 26.02
CA ILE D 63 -18.81 -5.14 25.28
C ILE D 63 -17.82 -4.18 24.62
N SER D 64 -17.89 -4.08 23.29
CA SER D 64 -17.08 -3.09 22.58
C SER D 64 -17.67 -1.69 22.75
N SER D 65 -18.97 -1.56 22.49
CA SER D 65 -19.59 -0.24 22.52
C SER D 65 -21.10 -0.38 22.67
N GLU D 66 -21.75 0.73 22.99
CA GLU D 66 -23.20 0.80 23.11
C GLU D 66 -23.71 2.03 22.39
N VAL D 67 -24.78 1.88 21.63
CA VAL D 67 -25.42 2.98 20.93
C VAL D 67 -26.86 3.06 21.41
N HIS D 68 -27.22 4.19 22.01
CA HIS D 68 -28.57 4.42 22.52
C HIS D 68 -29.30 5.35 21.56
N ILE D 69 -30.40 4.88 20.99
CA ILE D 69 -31.24 5.64 20.06
C ILE D 69 -32.53 5.98 20.80
N PRO D 70 -32.74 7.24 21.19
CA PRO D 70 -33.97 7.60 21.90
C PRO D 70 -35.18 7.50 20.99
N LEU D 71 -36.17 6.71 21.40
CA LEU D 71 -37.40 6.50 20.66
C LEU D 71 -38.56 6.86 21.60
N GLY D 72 -38.91 8.14 21.63
CA GLY D 72 -39.91 8.60 22.58
C GLY D 72 -39.44 8.35 24.00
N ASP D 73 -40.33 7.76 24.80
CA ASP D 73 -39.96 7.40 26.17
C ASP D 73 -38.98 6.23 26.18
N ALA D 74 -39.14 5.29 25.25
CA ALA D 74 -38.29 4.12 25.17
C ALA D 74 -36.98 4.46 24.46
N LYS D 75 -36.08 3.48 24.42
CA LYS D 75 -34.80 3.63 23.75
C LYS D 75 -34.35 2.31 23.15
N LEU D 76 -33.69 2.37 22.00
CA LEU D 76 -33.17 1.19 21.33
C LEU D 76 -31.66 1.13 21.57
N VAL D 77 -31.19 0.04 22.19
CA VAL D 77 -29.79 -0.13 22.53
C VAL D 77 -29.17 -1.14 21.58
N ILE D 78 -28.12 -0.72 20.89
CA ILE D 78 -27.34 -1.58 20.00
C ILE D 78 -25.98 -1.78 20.65
N THR D 79 -25.72 -3.00 21.10
CA THR D 79 -24.49 -3.31 21.82
C THR D 79 -23.58 -4.14 20.94
N THR D 80 -22.36 -3.65 20.71
CA THR D 80 -21.34 -4.37 19.97
C THR D 80 -20.36 -5.01 20.94
N TYR D 81 -20.11 -6.30 20.73
CA TYR D 81 -19.28 -7.13 21.58
C TYR D 81 -18.03 -7.57 20.82
N TRP D 82 -16.91 -7.62 21.53
CA TRP D 82 -15.67 -8.17 21.00
C TRP D 82 -15.14 -9.26 21.93
N GLY D 83 -14.17 -10.02 21.43
CA GLY D 83 -13.54 -11.05 22.23
C GLY D 83 -14.35 -12.31 22.43
N LEU D 84 -15.43 -12.48 21.68
CA LEU D 84 -16.24 -13.69 21.80
C LEU D 84 -15.47 -14.89 21.25
N HIS D 85 -15.64 -16.04 21.91
CA HIS D 85 -14.95 -17.27 21.53
C HIS D 85 -15.68 -18.04 20.43
N THR D 86 -16.56 -17.37 19.67
CA THR D 86 -17.29 -18.04 18.60
C THR D 86 -16.36 -18.41 17.45
N HIS D 92 -9.58 -16.77 16.56
CA HIS D 92 -10.78 -17.44 17.04
C HIS D 92 -11.69 -16.48 17.80
N LEU D 93 -11.23 -15.24 17.95
CA LEU D 93 -12.00 -14.22 18.66
C LEU D 93 -13.01 -13.60 17.69
N GLY D 94 -14.27 -13.53 18.12
CA GLY D 94 -15.32 -13.00 17.28
C GLY D 94 -16.01 -11.77 17.85
N GLN D 95 -16.75 -11.06 17.00
CA GLN D 95 -17.50 -9.88 17.40
C GLN D 95 -18.97 -10.07 17.07
N GLY D 96 -19.83 -9.39 17.81
CA GLY D 96 -21.26 -9.55 17.61
C GLY D 96 -22.03 -8.28 17.89
N VAL D 97 -23.30 -8.30 17.50
CA VAL D 97 -24.22 -7.18 17.70
C VAL D 97 -25.50 -7.69 18.34
N SER D 98 -26.01 -6.94 19.31
CA SER D 98 -27.27 -7.26 19.97
C SER D 98 -28.16 -6.03 19.97
N ILE D 99 -29.39 -6.17 19.48
CA ILE D 99 -30.36 -5.10 19.45
C ILE D 99 -31.39 -5.36 20.53
N GLU D 100 -31.72 -4.32 21.32
CA GLU D 100 -32.61 -4.51 22.46
C GLU D 100 -33.42 -3.24 22.69
N TRP D 101 -34.74 -3.37 22.59
CA TRP D 101 -35.64 -2.28 22.95
C TRP D 101 -35.79 -2.21 24.46
N ARG D 102 -35.92 -0.99 24.99
CA ARG D 102 -35.94 -0.77 26.44
C ARG D 102 -36.99 0.28 26.76
N LYS D 103 -38.00 -0.12 27.54
CA LYS D 103 -39.01 0.78 28.07
C LYS D 103 -38.86 0.79 29.58
N LYS D 104 -38.01 1.71 30.07
CA LYS D 104 -37.65 1.80 31.50
C LYS D 104 -36.99 0.48 31.87
N ARG D 105 -37.48 -0.23 32.89
CA ARG D 105 -36.87 -1.51 33.26
C ARG D 105 -37.19 -2.60 32.24
N TYR D 106 -38.29 -2.47 31.52
CA TYR D 106 -38.69 -3.48 30.55
C TYR D 106 -37.71 -3.53 29.38
N SER D 107 -37.37 -4.74 28.96
CA SER D 107 -36.41 -4.95 27.87
C SER D 107 -36.94 -6.05 26.96
N THR D 108 -36.51 -6.00 25.70
CA THR D 108 -36.98 -6.96 24.71
C THR D 108 -35.92 -7.10 23.60
N GLN D 109 -35.69 -8.33 23.17
CA GLN D 109 -34.81 -8.57 22.03
C GLN D 109 -35.54 -8.23 20.74
N VAL D 110 -34.85 -7.54 19.84
CA VAL D 110 -35.43 -7.01 18.62
C VAL D 110 -34.65 -7.52 17.42
N ASP D 111 -35.36 -8.03 16.42
CA ASP D 111 -34.76 -8.40 15.16
C ASP D 111 -34.45 -7.16 14.32
N PRO D 112 -33.50 -7.27 13.38
CA PRO D 112 -33.18 -6.09 12.55
C PRO D 112 -34.36 -5.57 11.74
N ASP D 113 -35.29 -6.44 11.34
CA ASP D 113 -36.42 -5.98 10.54
C ASP D 113 -37.29 -4.99 11.31
N LEU D 114 -37.58 -5.27 12.58
CA LEU D 114 -38.34 -4.32 13.39
C LEU D 114 -37.55 -3.05 13.67
N ALA D 115 -36.24 -3.20 13.92
CA ALA D 115 -35.39 -2.03 14.17
C ALA D 115 -35.31 -1.11 12.97
N ASP D 116 -35.41 -1.65 11.74
CA ASP D 116 -35.41 -0.81 10.55
C ASP D 116 -36.56 0.19 10.60
N GLN D 117 -37.78 -0.31 10.82
CA GLN D 117 -38.94 0.57 10.91
C GLN D 117 -38.86 1.47 12.14
N LEU D 118 -38.37 0.93 13.26
CA LEU D 118 -38.29 1.71 14.49
C LEU D 118 -37.35 2.89 14.34
N ILE D 119 -36.29 2.74 13.55
CA ILE D 119 -35.37 3.85 13.30
C ILE D 119 -35.92 4.78 12.21
N HIS D 120 -36.52 4.22 11.16
CA HIS D 120 -37.00 5.06 10.06
C HIS D 120 -38.17 5.95 10.51
N LEU D 121 -39.01 5.47 11.42
CA LEU D 121 -40.16 6.27 11.84
C LEU D 121 -39.73 7.52 12.60
N HIS D 122 -38.83 7.37 13.58
CA HIS D 122 -38.39 8.49 14.39
C HIS D 122 -37.14 9.19 13.86
N TYR D 123 -36.51 8.65 12.81
CA TYR D 123 -35.32 9.28 12.25
C TYR D 123 -35.26 9.07 10.74
N PRO D 135 -22.20 10.09 3.46
CA PRO D 135 -22.14 8.80 4.15
C PRO D 135 -23.53 8.17 4.33
N PRO D 136 -23.62 6.86 4.15
CA PRO D 136 -24.92 6.20 4.28
C PRO D 136 -25.45 6.26 5.71
N LEU D 137 -26.77 6.24 5.82
CA LEU D 137 -27.40 6.22 7.13
C LEU D 137 -27.06 4.93 7.88
N PRO D 138 -26.92 4.99 9.20
CA PRO D 138 -26.60 3.77 9.94
C PRO D 138 -27.80 2.85 10.06
N SER D 139 -27.79 1.76 9.31
CA SER D 139 -28.90 0.82 9.25
C SER D 139 -28.51 -0.48 9.95
N VAL D 140 -29.42 -0.98 10.79
CA VAL D 140 -29.15 -2.21 11.52
C VAL D 140 -29.09 -3.40 10.57
N ARG D 141 -29.93 -3.41 9.53
CA ARG D 141 -30.01 -4.56 8.63
C ARG D 141 -28.68 -4.77 7.90
N LYS D 142 -28.07 -3.70 7.42
CA LYS D 142 -26.82 -3.82 6.66
C LYS D 142 -25.71 -4.38 7.54
N LEU D 143 -25.63 -3.94 8.79
CA LEU D 143 -24.59 -4.44 9.69
C LEU D 143 -24.86 -5.88 10.10
N THR D 144 -26.12 -6.21 10.40
CA THR D 144 -26.43 -7.54 10.93
C THR D 144 -26.45 -8.61 9.84
N GLU D 145 -26.81 -8.25 8.61
CA GLU D 145 -26.95 -9.24 7.55
C GLU D 145 -25.62 -9.93 7.26
N ASP D 146 -25.69 -11.22 6.94
CA ASP D 146 -24.49 -12.00 6.65
C ASP D 146 -24.29 -12.13 5.14
N ILE E 27 -28.15 -26.85 17.05
CA ILE E 27 -27.14 -25.90 17.48
C ILE E 27 -25.79 -26.58 17.64
N LYS E 28 -24.73 -25.79 17.74
CA LYS E 28 -23.39 -26.32 17.92
C LYS E 28 -22.59 -25.36 18.79
N TYR E 29 -21.76 -25.92 19.66
CA TYR E 29 -20.91 -25.11 20.53
C TYR E 29 -19.69 -24.62 19.77
N THR E 30 -19.33 -23.36 19.99
CA THR E 30 -18.16 -22.74 19.37
C THR E 30 -17.21 -22.28 20.47
N GLY E 31 -15.95 -22.69 20.35
CA GLY E 31 -14.95 -22.33 21.35
C GLY E 31 -13.53 -22.35 20.80
N HIS E 37 -9.99 -31.52 20.29
CA HIS E 37 -11.38 -31.70 20.67
C HIS E 37 -11.48 -31.94 22.17
N GLU E 38 -10.52 -32.70 22.71
CA GLU E 38 -10.53 -33.01 24.13
C GLU E 38 -10.39 -31.74 24.97
N GLU E 39 -9.49 -30.84 24.57
CA GLU E 39 -9.37 -29.57 25.27
C GLU E 39 -10.65 -28.76 25.16
N ARG E 40 -11.31 -28.80 24.00
CA ARG E 40 -12.54 -28.06 23.81
C ARG E 40 -13.64 -28.56 24.75
N GLN E 41 -13.79 -29.88 24.85
CA GLN E 41 -14.84 -30.41 25.72
C GLN E 41 -14.48 -30.21 27.19
N ALA E 42 -13.20 -30.29 27.54
CA ALA E 42 -12.80 -30.00 28.92
C ALA E 42 -13.11 -28.55 29.29
N ARG E 43 -12.83 -27.61 28.37
CA ARG E 43 -13.16 -26.21 28.59
C ARG E 43 -14.67 -26.02 28.71
N PHE E 44 -15.44 -26.67 27.85
CA PHE E 44 -16.89 -26.61 27.97
C PHE E 44 -17.34 -27.08 29.35
N GLN E 45 -16.81 -28.22 29.80
CA GLN E 45 -17.23 -28.80 31.07
C GLN E 45 -16.89 -27.89 32.24
N ASN E 46 -15.64 -27.41 32.31
CA ASN E 46 -15.25 -26.65 33.49
C ASN E 46 -15.85 -25.24 33.46
N ALA E 47 -16.06 -24.67 32.27
CA ALA E 47 -16.75 -23.39 32.17
C ALA E 47 -18.19 -23.52 32.62
N CYS E 48 -18.87 -24.60 32.23
CA CYS E 48 -20.25 -24.80 32.66
C CYS E 48 -20.33 -25.09 34.15
N ARG E 49 -19.36 -25.82 34.70
CA ARG E 49 -19.40 -26.17 36.12
C ARG E 49 -19.07 -24.98 37.01
N ASP E 50 -18.07 -24.17 36.63
CA ASP E 50 -17.63 -23.08 37.48
C ASP E 50 -18.29 -21.75 37.13
N GLY E 51 -18.43 -21.45 35.83
CA GLY E 51 -19.01 -20.19 35.42
C GLY E 51 -17.96 -19.13 35.18
N ARG E 52 -18.34 -17.86 35.39
CA ARG E 52 -17.45 -16.72 35.21
C ARG E 52 -16.87 -16.67 33.79
N SER E 53 -17.66 -17.08 32.81
CA SER E 53 -17.23 -17.09 31.42
C SER E 53 -18.46 -17.05 30.53
N GLU E 54 -18.24 -16.74 29.26
CA GLU E 54 -19.32 -16.66 28.28
C GLU E 54 -19.40 -17.97 27.51
N ILE E 55 -20.63 -18.39 27.21
CA ILE E 55 -20.89 -19.62 26.48
C ILE E 55 -21.65 -19.27 25.20
N ALA E 56 -21.17 -19.78 24.07
CA ALA E 56 -21.73 -19.46 22.77
C ALA E 56 -22.41 -20.70 22.18
N PHE E 57 -23.56 -20.49 21.54
CA PHE E 57 -24.28 -21.56 20.86
C PHE E 57 -24.81 -21.00 19.53
N VAL E 58 -24.09 -21.28 18.44
CA VAL E 58 -24.50 -20.78 17.13
C VAL E 58 -25.57 -21.68 16.55
N ALA E 59 -26.36 -21.14 15.63
CA ALA E 59 -27.42 -21.90 14.98
C ALA E 59 -26.92 -22.49 13.66
N ASN E 63 -26.43 -16.42 11.01
CA ASN E 63 -25.34 -16.21 11.95
C ASN E 63 -25.86 -15.96 13.36
N LEU E 64 -27.10 -16.39 13.60
CA LEU E 64 -27.70 -16.23 14.92
C LEU E 64 -26.98 -17.09 15.94
N SER E 65 -26.79 -16.56 17.14
CA SER E 65 -26.13 -17.29 18.22
C SER E 65 -26.71 -16.86 19.56
N LEU E 66 -26.76 -17.80 20.49
CA LEU E 66 -27.19 -17.55 21.86
C LEU E 66 -25.95 -17.39 22.74
N GLN E 67 -25.93 -16.31 23.51
CA GLN E 67 -24.82 -16.01 24.41
C GLN E 67 -25.28 -16.15 25.86
N PHE E 68 -24.49 -16.86 26.65
CA PHE E 68 -24.73 -17.04 28.08
C PHE E 68 -23.62 -16.30 28.83
N PHE E 69 -24.00 -15.19 29.48
CA PHE E 69 -23.07 -14.36 30.22
C PHE E 69 -23.33 -14.49 31.72
N PRO E 70 -22.28 -14.38 32.54
CA PRO E 70 -22.50 -14.36 33.99
C PRO E 70 -23.33 -13.16 34.42
N ALA E 71 -24.13 -13.35 35.46
CA ALA E 71 -25.00 -12.28 35.95
C ALA E 71 -24.21 -11.13 36.54
N SER E 72 -22.97 -11.37 36.96
CA SER E 72 -22.15 -10.30 37.55
C SER E 72 -21.68 -9.29 36.51
N TRP E 73 -21.69 -9.65 35.23
CA TRP E 73 -21.25 -8.73 34.19
C TRP E 73 -22.25 -7.62 33.93
N GLN E 74 -23.52 -7.84 34.24
CA GLN E 74 -24.56 -6.83 34.03
C GLN E 74 -24.63 -5.85 35.19
N VAL E 95 -25.82 -31.91 28.11
CA VAL E 95 -26.11 -30.63 28.75
C VAL E 95 -27.44 -30.07 28.24
N TYR E 96 -28.25 -29.56 29.18
CA TYR E 96 -29.55 -28.99 28.87
C TYR E 96 -29.52 -27.50 29.11
N LEU E 97 -30.15 -26.73 28.22
CA LEU E 97 -30.15 -25.28 28.27
C LEU E 97 -31.60 -24.80 28.27
N LYS E 98 -31.92 -23.89 29.20
CA LYS E 98 -33.23 -23.29 29.29
C LYS E 98 -33.08 -21.81 29.63
N ALA E 99 -33.73 -20.95 28.86
CA ALA E 99 -33.57 -19.52 29.06
C ALA E 99 -34.85 -18.76 28.71
N PRO E 100 -35.42 -18.02 29.67
CA PRO E 100 -36.55 -17.12 29.35
C PRO E 100 -36.02 -15.81 28.76
N MET E 101 -36.65 -15.36 27.68
CA MET E 101 -36.19 -14.17 26.98
C MET E 101 -37.35 -13.52 26.24
N ILE E 102 -37.42 -12.20 26.32
CA ILE E 102 -38.48 -11.46 25.65
C ILE E 102 -38.02 -11.07 24.25
N LEU E 103 -38.76 -11.50 23.23
CA LEU E 103 -38.41 -11.25 21.84
C LEU E 103 -39.64 -10.73 21.11
N ASN E 104 -39.52 -9.53 20.53
CA ASN E 104 -40.60 -8.90 19.77
C ASN E 104 -41.87 -8.76 20.61
N GLY E 105 -41.70 -8.46 21.90
CA GLY E 105 -42.81 -8.17 22.77
C GLY E 105 -43.44 -9.36 23.46
N VAL E 106 -43.04 -10.59 23.12
CA VAL E 106 -43.59 -11.78 23.75
C VAL E 106 -42.50 -12.46 24.56
N CYS E 107 -42.91 -13.15 25.63
CA CYS E 107 -41.98 -13.80 26.54
C CYS E 107 -41.78 -15.24 26.09
N VAL E 108 -40.85 -15.41 25.13
CA VAL E 108 -40.53 -16.73 24.62
C VAL E 108 -39.51 -17.41 25.53
N ILE E 109 -39.47 -18.74 25.47
CA ILE E 109 -38.53 -19.53 26.25
C ILE E 109 -37.76 -20.43 25.29
N TRP E 110 -36.43 -20.35 25.34
CA TRP E 110 -35.57 -21.13 24.47
C TRP E 110 -35.04 -22.34 25.27
N LYS E 111 -35.32 -23.54 24.78
CA LYS E 111 -34.89 -24.76 25.42
C LYS E 111 -34.19 -25.65 24.40
N GLY E 112 -33.12 -26.31 24.84
CA GLY E 112 -32.36 -27.15 23.95
C GLY E 112 -31.43 -28.08 24.70
N TRP E 113 -30.75 -28.93 23.93
CA TRP E 113 -29.80 -29.89 24.48
C TRP E 113 -28.60 -29.97 23.56
N ILE E 114 -27.45 -30.29 24.16
CA ILE E 114 -26.20 -30.49 23.43
C ILE E 114 -25.49 -31.69 24.03
N ASP E 115 -24.80 -32.45 23.17
CA ASP E 115 -24.15 -33.68 23.62
C ASP E 115 -22.77 -33.38 24.23
N ASP E 120 -22.58 -30.95 19.40
CA ASP E 120 -23.77 -30.62 18.62
C ASP E 120 -25.04 -30.94 19.39
N GLY E 121 -26.15 -30.38 18.95
CA GLY E 121 -27.40 -30.62 19.61
C GLY E 121 -28.56 -29.98 18.88
N MET E 122 -29.66 -29.82 19.60
CA MET E 122 -30.87 -29.25 19.02
C MET E 122 -31.55 -28.33 20.04
N GLY E 123 -31.99 -27.17 19.58
CA GLY E 123 -32.66 -26.23 20.45
C GLY E 123 -33.74 -25.48 19.70
N CYS E 124 -34.77 -25.06 20.42
CA CYS E 124 -35.89 -24.35 19.82
C CYS E 124 -36.52 -23.43 20.86
N LEU E 125 -37.23 -22.42 20.36
CA LEU E 125 -37.90 -21.45 21.20
C LEU E 125 -39.41 -21.64 21.09
N GLU E 126 -40.09 -21.62 22.24
CA GLU E 126 -41.54 -21.77 22.30
C GLU E 126 -42.11 -20.74 23.27
N PHE E 127 -43.26 -20.19 22.93
CA PHE E 127 -43.92 -19.19 23.76
C PHE E 127 -44.51 -19.83 25.01
N GLY G 3 7.35 14.20 -13.56
CA GLY G 3 8.18 14.30 -14.76
C GLY G 3 9.60 13.83 -14.54
N HIS G 4 9.81 13.02 -13.50
CA HIS G 4 11.11 12.48 -13.16
C HIS G 4 11.04 10.95 -13.29
N MET G 5 11.31 10.45 -14.49
CA MET G 5 11.26 9.03 -14.78
C MET G 5 12.38 8.71 -15.77
N ASP G 6 13.28 7.81 -15.37
CA ASP G 6 14.38 7.47 -16.24
C ASP G 6 13.89 6.71 -17.47
N PRO G 7 14.52 6.94 -18.63
CA PRO G 7 14.03 6.32 -19.87
C PRO G 7 14.02 4.80 -19.85
N ASP G 8 14.97 4.18 -19.15
CA ASP G 8 15.03 2.72 -19.12
C ASP G 8 13.78 2.12 -18.48
N THR G 9 13.33 2.71 -17.37
CA THR G 9 12.12 2.23 -16.70
C THR G 9 10.91 2.35 -17.62
N PHE G 10 10.78 3.50 -18.29
CA PHE G 10 9.65 3.70 -19.21
C PHE G 10 9.69 2.69 -20.34
N SER G 11 10.86 2.48 -20.94
CA SER G 11 10.97 1.55 -22.06
C SER G 11 10.66 0.12 -21.63
N TYR G 12 11.12 -0.26 -20.43
CA TYR G 12 10.90 -1.63 -19.97
C TYR G 12 9.44 -1.86 -19.58
N ASN G 13 8.83 -0.91 -18.88
CA ASN G 13 7.51 -1.15 -18.31
C ASN G 13 6.39 -0.86 -19.31
N PHE G 14 6.57 0.15 -20.17
CA PHE G 14 5.52 0.57 -21.08
C PHE G 14 5.60 -0.10 -22.44
N ASN G 15 6.44 -1.12 -22.59
CA ASN G 15 6.42 -1.93 -23.81
C ASN G 15 5.03 -2.50 -24.01
N ASN G 16 4.50 -2.36 -25.22
CA ASN G 16 3.11 -2.65 -25.50
C ASN G 16 2.89 -4.04 -26.08
N ARG G 17 3.83 -4.95 -25.90
CA ARG G 17 3.62 -6.31 -26.36
C ARG G 17 2.48 -6.94 -25.56
N PRO G 18 1.48 -7.53 -26.22
CA PRO G 18 0.31 -8.03 -25.47
C PRO G 18 0.66 -9.05 -24.40
N ILE G 19 1.66 -9.90 -24.64
CA ILE G 19 2.07 -10.92 -23.68
C ILE G 19 3.48 -10.57 -23.22
N LEU G 20 3.61 -10.10 -21.99
CA LEU G 20 4.88 -9.70 -21.41
C LEU G 20 4.98 -10.30 -20.01
N SER G 21 5.88 -11.27 -19.83
CA SER G 21 5.87 -12.13 -18.66
C SER G 21 6.70 -11.61 -17.49
N ARG G 22 7.62 -10.67 -17.71
CA ARG G 22 8.53 -10.21 -16.67
C ARG G 22 8.38 -8.73 -16.39
N ARG G 23 7.14 -8.24 -16.38
CA ARG G 23 6.83 -6.88 -15.95
C ARG G 23 5.95 -7.00 -14.72
N ASN G 24 6.58 -7.14 -13.55
CA ASN G 24 5.88 -7.40 -12.32
C ASN G 24 5.43 -6.14 -11.59
N THR G 25 5.84 -4.97 -12.06
CA THR G 25 5.47 -3.70 -11.46
C THR G 25 4.60 -2.90 -12.41
N VAL G 26 3.71 -2.10 -11.84
CA VAL G 26 2.76 -1.29 -12.61
C VAL G 26 3.12 0.17 -12.41
N TRP G 27 3.33 0.88 -13.51
CA TRP G 27 3.63 2.30 -13.49
C TRP G 27 2.43 3.06 -14.03
N LEU G 28 2.01 4.10 -13.30
CA LEU G 28 0.84 4.89 -13.66
C LEU G 28 1.23 6.36 -13.67
N CYS G 29 1.21 6.97 -14.85
CA CYS G 29 1.36 8.41 -14.97
C CYS G 29 -0.02 9.04 -15.03
N TYR G 30 -0.20 10.13 -14.29
CA TYR G 30 -1.50 10.78 -14.18
C TYR G 30 -1.36 12.27 -14.43
N GLU G 31 -2.39 12.84 -15.06
CA GLU G 31 -2.51 14.28 -15.21
C GLU G 31 -3.96 14.68 -15.00
N VAL G 32 -4.18 15.90 -14.54
CA VAL G 32 -5.52 16.40 -14.23
C VAL G 32 -5.73 17.72 -14.96
N GLU G 33 -6.92 17.88 -15.54
CA GLU G 33 -7.34 19.11 -16.17
C GLU G 33 -8.59 19.64 -15.47
N ARG G 34 -8.74 20.97 -15.48
CA ARG G 34 -9.87 21.61 -14.84
C ARG G 34 -10.68 22.38 -15.88
N LEU G 35 -12.00 22.26 -15.80
CA LEU G 35 -12.90 22.94 -16.72
C LEU G 35 -13.19 24.34 -16.19
N ASP G 36 -12.55 25.35 -16.79
CA ASP G 36 -12.75 26.74 -16.42
C ASP G 36 -13.17 27.52 -17.66
N ASN G 37 -14.24 28.30 -17.53
CA ASN G 37 -14.73 29.16 -18.61
C ASN G 37 -14.98 28.38 -19.89
N GLY G 38 -15.38 27.11 -19.75
CA GLY G 38 -15.69 26.28 -20.90
C GLY G 38 -14.49 25.62 -21.56
N THR G 39 -13.29 25.82 -21.05
CA THR G 39 -12.10 25.21 -21.63
C THR G 39 -11.34 24.43 -20.56
N TRP G 40 -10.63 23.40 -20.99
CA TRP G 40 -9.91 22.51 -20.08
C TRP G 40 -8.48 23.00 -19.96
N VAL G 41 -8.15 23.57 -18.80
CA VAL G 41 -6.80 24.05 -18.52
C VAL G 41 -6.05 22.98 -17.75
N LYS G 42 -4.83 22.68 -18.19
CA LYS G 42 -4.02 21.67 -17.53
C LYS G 42 -3.54 22.16 -16.16
N MET G 43 -3.45 21.23 -15.21
CA MET G 43 -2.92 21.52 -13.88
C MET G 43 -1.46 21.06 -13.86
N ASP G 44 -0.54 22.02 -13.81
CA ASP G 44 0.88 21.71 -13.94
C ASP G 44 1.39 20.93 -12.73
N GLN G 45 0.92 21.26 -11.54
CA GLN G 45 1.42 20.63 -10.32
C GLN G 45 0.60 19.43 -9.89
N HIS G 46 -0.51 19.14 -10.56
CA HIS G 46 -1.36 18.00 -10.21
C HIS G 46 -1.13 16.80 -11.12
N ARG G 47 0.10 16.63 -11.61
CA ARG G 47 0.44 15.53 -12.51
C ARG G 47 1.74 14.91 -12.05
N GLY G 48 1.89 13.62 -12.36
CA GLY G 48 3.10 12.90 -11.96
C GLY G 48 3.02 11.45 -12.36
N GLN G 49 3.79 10.63 -11.64
CA GLN G 49 3.81 9.19 -11.90
C GLN G 49 4.07 8.45 -10.60
N VAL G 50 3.45 7.28 -10.48
CA VAL G 50 3.58 6.44 -9.30
C VAL G 50 3.82 4.99 -9.73
N TYR G 51 4.70 4.30 -9.01
CA TYR G 51 4.96 2.89 -9.27
C TYR G 51 4.07 2.04 -8.36
N SER G 52 4.28 0.74 -8.41
CA SER G 52 3.43 -0.23 -7.74
C SER G 52 4.19 -0.96 -6.65
N GLU G 53 3.46 -1.41 -5.64
CA GLU G 53 3.96 -2.31 -4.63
C GLU G 53 3.18 -3.63 -4.67
N LEU G 54 3.78 -4.66 -4.08
CA LEU G 54 3.16 -5.98 -4.08
C LEU G 54 1.81 -5.96 -3.38
N LYS G 55 1.65 -5.10 -2.37
CA LYS G 55 0.39 -4.97 -1.66
C LYS G 55 -0.32 -3.65 -1.96
N TYR G 56 0.39 -2.68 -2.52
CA TYR G 56 -0.16 -1.35 -2.81
C TYR G 56 -0.08 -1.11 -4.31
N HIS G 57 -1.24 -1.11 -4.97
CA HIS G 57 -1.31 -0.84 -6.39
C HIS G 57 -1.32 0.67 -6.66
N PRO G 58 -0.87 1.10 -7.84
CA PRO G 58 -0.84 2.55 -8.12
C PRO G 58 -2.21 3.21 -8.10
N GLU G 59 -3.28 2.46 -8.36
CA GLU G 59 -4.61 3.04 -8.33
C GLU G 59 -4.99 3.53 -6.93
N MET G 60 -4.65 2.73 -5.90
CA MET G 60 -4.93 3.15 -4.54
C MET G 60 -4.11 4.38 -4.15
N ARG G 61 -2.85 4.42 -4.57
CA ARG G 61 -2.01 5.59 -4.30
C ARG G 61 -2.58 6.83 -4.99
N PHE G 62 -3.07 6.68 -6.22
CA PHE G 62 -3.69 7.81 -6.91
C PHE G 62 -4.97 8.24 -6.22
N LEU G 63 -5.75 7.30 -5.71
CA LEU G 63 -6.95 7.66 -4.95
C LEU G 63 -6.59 8.45 -3.70
N SER G 64 -5.54 8.02 -2.99
CA SER G 64 -5.08 8.78 -1.83
C SER G 64 -4.60 10.17 -2.23
N LEU G 65 -3.89 10.27 -3.35
CA LEU G 65 -3.44 11.58 -3.84
C LEU G 65 -4.62 12.49 -4.16
N VAL G 66 -5.66 11.92 -4.79
CA VAL G 66 -6.85 12.71 -5.11
C VAL G 66 -7.54 13.18 -3.83
N SER G 67 -7.63 12.29 -2.84
CA SER G 67 -8.23 12.67 -1.56
C SER G 67 -7.43 13.80 -0.89
N LYS G 68 -6.10 13.76 -1.01
CA LYS G 68 -5.27 14.81 -0.44
C LYS G 68 -5.32 16.10 -1.26
N TRP G 69 -5.64 16.01 -2.54
CA TRP G 69 -5.61 17.21 -3.39
C TRP G 69 -6.70 18.20 -3.01
N LYS G 70 -7.78 17.73 -2.39
CA LYS G 70 -8.90 18.58 -1.99
C LYS G 70 -9.48 19.33 -3.19
N LEU G 71 -9.82 18.58 -4.23
CA LEU G 71 -10.40 19.17 -5.42
C LEU G 71 -11.77 19.77 -5.12
N HIS G 72 -12.03 20.94 -5.69
CA HIS G 72 -13.32 21.60 -5.49
C HIS G 72 -14.44 20.75 -6.07
N ARG G 73 -15.51 20.58 -5.30
CA ARG G 73 -16.65 19.79 -5.77
C ARG G 73 -17.52 20.53 -6.77
N ASP G 74 -17.38 21.85 -6.89
CA ASP G 74 -18.16 22.65 -7.81
C ASP G 74 -17.46 22.86 -9.14
N GLN G 75 -16.40 22.11 -9.41
CA GLN G 75 -15.67 22.20 -10.67
C GLN G 75 -15.58 20.82 -11.31
N GLU G 76 -15.44 20.82 -12.63
CA GLU G 76 -15.32 19.59 -13.41
C GLU G 76 -13.86 19.29 -13.66
N TYR G 77 -13.46 18.05 -13.39
CA TYR G 77 -12.09 17.61 -13.57
C TYR G 77 -12.04 16.46 -14.56
N GLU G 78 -11.02 16.46 -15.41
CA GLU G 78 -10.78 15.38 -16.36
C GLU G 78 -9.38 14.83 -16.08
N VAL G 79 -9.31 13.55 -15.73
CA VAL G 79 -8.06 12.93 -15.31
C VAL G 79 -7.64 11.93 -16.38
N THR G 80 -6.42 12.10 -16.89
CA THR G 80 -5.85 11.21 -17.88
C THR G 80 -4.84 10.30 -17.21
N TRP G 81 -4.96 9.00 -17.48
CA TRP G 81 -4.08 7.97 -16.97
C TRP G 81 -3.30 7.35 -18.11
N TYR G 82 -2.03 7.02 -17.87
CA TYR G 82 -1.20 6.24 -18.78
C TYR G 82 -0.57 5.15 -17.91
N ILE G 83 -1.06 3.93 -18.05
CA ILE G 83 -0.71 2.84 -17.15
C ILE G 83 -0.17 1.67 -17.96
N SER G 84 0.87 1.02 -17.43
CA SER G 84 1.52 -0.06 -18.18
C SER G 84 0.63 -1.30 -18.24
N TRP G 85 -0.01 -1.66 -17.13
CA TRP G 85 -0.94 -2.78 -17.08
C TRP G 85 -2.34 -2.25 -16.82
N SER G 86 -3.33 -2.85 -17.49
CA SER G 86 -4.71 -2.49 -17.23
C SER G 86 -5.08 -2.86 -15.80
N PRO G 87 -5.97 -2.10 -15.16
CA PRO G 87 -6.26 -2.34 -13.74
C PRO G 87 -6.81 -3.74 -13.50
N CYS G 88 -6.44 -4.30 -12.35
CA CYS G 88 -6.88 -5.64 -11.96
C CYS G 88 -8.31 -5.57 -11.46
N THR G 89 -8.83 -6.70 -10.96
CA THR G 89 -10.22 -6.75 -10.51
C THR G 89 -10.46 -5.79 -9.34
N LYS G 90 -9.60 -5.85 -8.32
CA LYS G 90 -9.77 -4.97 -7.16
C LYS G 90 -9.60 -3.51 -7.55
N CYS G 91 -8.60 -3.21 -8.38
CA CYS G 91 -8.37 -1.83 -8.80
C CYS G 91 -9.53 -1.29 -9.62
N ALA G 92 -10.03 -2.10 -10.57
CA ALA G 92 -11.17 -1.67 -11.37
C ALA G 92 -12.42 -1.48 -10.50
N ARG G 93 -12.63 -2.40 -9.55
CA ARG G 93 -13.73 -2.26 -8.60
C ARG G 93 -13.67 -0.94 -7.84
N ASP G 94 -12.50 -0.65 -7.25
CA ASP G 94 -12.35 0.54 -6.43
C ASP G 94 -12.46 1.80 -7.28
N MET G 95 -11.90 1.79 -8.49
CA MET G 95 -12.04 2.95 -9.37
C MET G 95 -13.49 3.16 -9.78
N ALA G 96 -14.23 2.07 -10.01
CA ALA G 96 -15.64 2.19 -10.38
C ALA G 96 -16.45 2.80 -9.25
N THR G 97 -16.26 2.31 -8.02
CA THR G 97 -17.03 2.88 -6.92
C THR G 97 -16.60 4.32 -6.62
N PHE G 98 -15.31 4.64 -6.78
CA PHE G 98 -14.86 6.02 -6.61
C PHE G 98 -15.49 6.95 -7.64
N LEU G 99 -15.54 6.51 -8.90
CA LEU G 99 -16.16 7.33 -9.94
C LEU G 99 -17.66 7.48 -9.71
N GLN G 100 -18.31 6.42 -9.21
CA GLN G 100 -19.73 6.53 -8.88
C GLN G 100 -19.94 7.52 -7.75
N GLU G 101 -19.06 7.52 -6.75
CA GLU G 101 -19.18 8.44 -5.63
C GLU G 101 -18.61 9.83 -5.93
N ASN G 102 -17.92 10.01 -7.05
CA ASN G 102 -17.34 11.30 -7.44
C ASN G 102 -17.78 11.58 -8.87
N THR G 103 -18.95 12.20 -9.03
CA THR G 103 -19.49 12.48 -10.35
C THR G 103 -18.91 13.74 -10.99
N HIS G 104 -18.17 14.56 -10.23
CA HIS G 104 -17.60 15.77 -10.78
C HIS G 104 -16.27 15.54 -11.48
N VAL G 105 -15.72 14.34 -11.43
CA VAL G 105 -14.45 14.02 -12.06
C VAL G 105 -14.67 12.85 -13.01
N THR G 106 -14.14 12.98 -14.24
CA THR G 106 -14.18 11.93 -15.24
C THR G 106 -12.76 11.43 -15.48
N LEU G 107 -12.67 10.18 -15.92
CA LEU G 107 -11.38 9.50 -16.05
C LEU G 107 -11.25 8.88 -17.44
N THR G 108 -10.15 9.16 -18.12
CA THR G 108 -9.77 8.45 -19.34
C THR G 108 -8.48 7.69 -19.05
N ILE G 109 -8.40 6.46 -19.53
CA ILE G 109 -7.28 5.57 -19.24
C ILE G 109 -6.69 5.07 -20.54
N PHE G 110 -5.38 5.22 -20.69
CA PHE G 110 -4.61 4.57 -21.76
C PHE G 110 -3.77 3.48 -21.12
N VAL G 111 -3.81 2.29 -21.69
CA VAL G 111 -3.10 1.13 -21.16
C VAL G 111 -2.05 0.71 -22.18
N ALA G 112 -0.82 0.51 -21.70
CA ALA G 112 0.23 -0.02 -22.57
C ALA G 112 -0.03 -1.49 -22.89
N ARG G 113 -0.53 -2.25 -21.93
CA ARG G 113 -0.86 -3.65 -22.11
C ARG G 113 -2.16 -3.97 -21.41
N LEU G 114 -2.84 -5.01 -21.87
CA LEU G 114 -4.07 -5.48 -21.24
C LEU G 114 -3.72 -6.62 -20.28
N TYR G 115 -4.01 -6.42 -19.00
CA TYR G 115 -3.68 -7.39 -17.97
C TYR G 115 -4.76 -8.47 -17.92
N TYR G 116 -4.38 -9.71 -18.25
CA TYR G 116 -5.29 -10.86 -18.23
C TYR G 116 -6.52 -10.59 -19.09
N PHE G 117 -6.29 -10.14 -20.33
CA PHE G 117 -7.39 -9.85 -21.23
C PHE G 117 -8.19 -11.10 -21.60
N TRP G 118 -7.62 -12.29 -21.40
CA TRP G 118 -8.32 -13.55 -21.63
C TRP G 118 -9.07 -14.03 -20.39
N ASP G 119 -8.89 -13.38 -19.24
CA ASP G 119 -9.53 -13.79 -18.01
C ASP G 119 -10.94 -13.22 -17.94
N PRO G 120 -11.97 -14.05 -17.78
CA PRO G 120 -13.34 -13.49 -17.66
C PRO G 120 -13.50 -12.53 -16.50
N ASP G 121 -12.84 -12.80 -15.37
CA ASP G 121 -12.95 -11.89 -14.23
C ASP G 121 -12.39 -10.52 -14.57
N TYR G 122 -11.23 -10.48 -15.23
CA TYR G 122 -10.66 -9.19 -15.62
C TYR G 122 -11.52 -8.52 -16.69
N GLN G 123 -12.16 -9.32 -17.56
CA GLN G 123 -13.06 -8.74 -18.55
C GLN G 123 -14.25 -8.05 -17.88
N GLU G 124 -14.88 -8.70 -16.89
CA GLU G 124 -16.01 -8.05 -16.24
C GLU G 124 -15.55 -6.86 -15.41
N ALA G 125 -14.34 -6.93 -14.83
CA ALA G 125 -13.81 -5.77 -14.11
C ALA G 125 -13.63 -4.58 -15.06
N LEU G 126 -13.05 -4.82 -16.23
CA LEU G 126 -12.88 -3.74 -17.20
C LEU G 126 -14.22 -3.23 -17.70
N ARG G 127 -15.18 -4.13 -17.93
CA ARG G 127 -16.50 -3.70 -18.39
C ARG G 127 -17.21 -2.86 -17.34
N SER G 128 -17.09 -3.26 -16.06
CA SER G 128 -17.69 -2.47 -14.98
C SER G 128 -17.02 -1.10 -14.86
N LEU G 129 -15.69 -1.06 -15.02
CA LEU G 129 -14.99 0.21 -14.98
C LEU G 129 -15.44 1.12 -16.12
N ALA G 130 -15.63 0.55 -17.31
CA ALA G 130 -16.14 1.33 -18.45
C ALA G 130 -17.56 1.80 -18.20
N GLN G 131 -18.40 0.95 -17.62
CA GLN G 131 -19.79 1.32 -17.33
C GLN G 131 -19.86 2.39 -16.25
N ALA G 132 -18.87 2.45 -15.36
CA ALA G 132 -18.83 3.48 -14.33
C ALA G 132 -18.56 4.87 -14.90
N GLY G 133 -18.19 4.96 -16.18
CA GLY G 133 -17.91 6.23 -16.81
C GLY G 133 -16.47 6.41 -17.25
N ALA G 134 -15.58 5.52 -16.84
CA ALA G 134 -14.17 5.63 -17.24
C ALA G 134 -14.02 5.28 -18.71
N THR G 135 -13.15 6.03 -19.39
CA THR G 135 -12.83 5.78 -20.78
C THR G 135 -11.52 5.00 -20.85
N ILE G 136 -11.57 3.82 -21.45
CA ILE G 136 -10.42 2.94 -21.57
C ILE G 136 -9.97 2.93 -23.01
N LYS G 137 -8.71 3.27 -23.24
CA LYS G 137 -8.14 3.33 -24.58
C LYS G 137 -6.80 2.61 -24.59
N ILE G 138 -6.36 2.24 -25.79
CA ILE G 138 -5.07 1.59 -25.98
C ILE G 138 -4.04 2.65 -26.30
N MET G 139 -2.91 2.61 -25.59
CA MET G 139 -1.87 3.64 -25.72
C MET G 139 -1.12 3.44 -27.02
N ASN G 140 -1.35 4.32 -27.99
CA ASN G 140 -0.71 4.25 -29.29
C ASN G 140 0.61 5.03 -29.26
N TYR G 141 1.20 5.25 -30.43
CA TYR G 141 2.48 5.95 -30.49
C TYR G 141 2.37 7.39 -29.99
N ASP G 142 1.22 8.03 -30.21
CA ASP G 142 1.06 9.43 -29.83
C ASP G 142 1.17 9.62 -28.32
N GLU G 143 0.42 8.83 -27.56
CA GLU G 143 0.51 8.95 -26.10
C GLU G 143 1.84 8.42 -25.56
N PHE G 144 2.47 7.48 -26.25
CA PHE G 144 3.82 7.07 -25.86
C PHE G 144 4.80 8.24 -25.98
N GLN G 145 4.72 8.98 -27.10
CA GLN G 145 5.57 10.16 -27.26
C GLN G 145 5.21 11.23 -26.25
N HIS G 146 3.92 11.40 -25.95
CA HIS G 146 3.50 12.38 -24.97
C HIS G 146 4.06 12.05 -23.59
N CYS G 147 4.01 10.78 -23.20
CA CYS G 147 4.58 10.36 -21.92
C CYS G 147 6.09 10.54 -21.91
N TRP G 148 6.75 10.23 -23.02
CA TRP G 148 8.19 10.42 -23.11
C TRP G 148 8.57 11.89 -22.93
N SER G 149 7.82 12.80 -23.55
CA SER G 149 8.14 14.22 -23.48
C SER G 149 7.56 14.90 -22.26
N LYS G 150 6.72 14.22 -21.48
CA LYS G 150 6.05 14.82 -20.34
C LYS G 150 6.43 14.20 -19.00
N PHE G 151 6.34 12.88 -18.87
CA PHE G 151 6.57 12.20 -17.60
C PHE G 151 7.96 11.58 -17.49
N VAL G 152 8.70 11.47 -18.59
CA VAL G 152 9.97 10.76 -18.62
C VAL G 152 11.10 11.78 -18.57
N TYR G 153 12.05 11.57 -17.65
CA TYR G 153 13.24 12.42 -17.53
C TYR G 153 14.25 12.01 -18.59
N SER G 154 13.92 12.38 -19.83
CA SER G 154 14.74 12.02 -20.98
C SER G 154 15.90 12.98 -21.23
N GLN G 155 15.94 14.11 -20.53
CA GLN G 155 17.00 15.11 -20.68
C GLN G 155 17.13 15.57 -22.13
N GLY G 156 16.00 15.73 -22.80
CA GLY G 156 15.98 16.18 -24.17
C GLY G 156 16.18 15.12 -25.22
N ALA G 157 16.39 13.86 -24.82
CA ALA G 157 16.57 12.80 -25.79
C ALA G 157 15.27 12.53 -26.54
N PRO G 158 15.33 12.27 -27.84
CA PRO G 158 14.10 11.95 -28.58
C PRO G 158 13.58 10.57 -28.24
N PHE G 159 12.28 10.40 -28.42
CA PHE G 159 11.65 9.12 -28.16
C PHE G 159 12.05 8.10 -29.23
N GLN G 160 12.45 6.91 -28.79
CA GLN G 160 12.81 5.83 -29.71
C GLN G 160 11.83 4.69 -29.55
N PRO G 161 10.84 4.57 -30.43
CA PRO G 161 9.86 3.49 -30.29
C PRO G 161 10.50 2.11 -30.49
N TRP G 162 9.95 1.13 -29.77
CA TRP G 162 10.43 -0.23 -29.88
C TRP G 162 9.83 -0.89 -31.13
N ASP G 163 10.39 -2.05 -31.47
CA ASP G 163 9.94 -2.77 -32.65
C ASP G 163 8.52 -3.28 -32.47
N GLY G 164 7.71 -3.14 -33.53
CA GLY G 164 6.35 -3.64 -33.51
C GLY G 164 5.38 -2.86 -32.64
N LEU G 165 5.67 -1.58 -32.37
CA LEU G 165 4.79 -0.79 -31.52
C LEU G 165 3.41 -0.64 -32.14
N ASP G 166 3.35 -0.34 -33.45
CA ASP G 166 2.07 -0.11 -34.10
C ASP G 166 1.26 -1.41 -34.20
N GLU G 167 1.93 -2.52 -34.53
CA GLU G 167 1.22 -3.80 -34.61
C GLU G 167 0.65 -4.21 -33.26
N TYR G 168 1.45 -4.05 -32.19
CA TYR G 168 0.96 -4.35 -30.85
C TYR G 168 -0.19 -3.43 -30.47
N SER G 169 -0.09 -2.15 -30.83
CA SER G 169 -1.16 -1.21 -30.54
C SER G 169 -2.46 -1.61 -31.25
N GLN G 170 -2.36 -2.01 -32.52
CA GLN G 170 -3.55 -2.43 -33.25
C GLN G 170 -4.15 -3.69 -32.65
N ALA G 171 -3.30 -4.66 -32.31
CA ALA G 171 -3.80 -5.90 -31.71
C ALA G 171 -4.49 -5.63 -30.37
N LEU G 172 -3.89 -4.76 -29.54
CA LEU G 172 -4.49 -4.44 -28.26
C LEU G 172 -5.77 -3.63 -28.44
N SER G 173 -5.83 -2.77 -29.45
CA SER G 173 -7.07 -2.05 -29.74
C SER G 173 -8.18 -3.02 -30.12
N GLY G 174 -7.86 -4.02 -30.95
CA GLY G 174 -8.86 -5.03 -31.29
C GLY G 174 -9.31 -5.83 -30.09
N MET G 175 -8.36 -6.22 -29.23
CA MET G 175 -8.71 -6.97 -28.03
C MET G 175 -9.59 -6.15 -27.10
N LEU G 176 -9.25 -4.86 -26.92
CA LEU G 176 -10.04 -3.99 -26.05
C LEU G 176 -11.44 -3.77 -26.63
N GLY G 177 -11.54 -3.62 -27.95
CA GLY G 177 -12.85 -3.51 -28.57
C GLY G 177 -13.68 -4.76 -28.38
N GLU G 178 -13.06 -5.93 -28.47
CA GLU G 178 -13.77 -7.18 -28.22
C GLU G 178 -14.22 -7.26 -26.76
N ILE G 179 -13.36 -6.85 -25.82
CA ILE G 179 -13.70 -6.94 -24.41
C ILE G 179 -14.84 -5.98 -24.06
N LEU G 180 -14.74 -4.74 -24.53
CA LEU G 180 -15.74 -3.72 -24.20
C LEU G 180 -17.03 -3.87 -24.98
N ARG G 181 -17.07 -4.79 -25.96
CA ARG G 181 -18.28 -5.05 -26.76
C ARG G 181 -18.75 -3.78 -27.48
N HIS G 182 -17.82 -3.14 -28.19
CA HIS G 182 -18.12 -1.92 -28.92
C HIS G 182 -19.04 -2.21 -30.11
N ASN H 15 26.08 -27.59 -23.61
CA ASN H 15 25.74 -26.25 -23.17
C ASN H 15 26.81 -25.25 -23.59
N ARG H 16 26.42 -24.28 -24.40
CA ARG H 16 27.34 -23.23 -24.87
C ARG H 16 27.08 -21.97 -24.06
N TRP H 17 28.15 -21.34 -23.59
CA TRP H 17 28.07 -20.17 -22.73
C TRP H 17 28.81 -19.00 -23.36
N GLN H 18 28.38 -17.79 -23.00
CA GLN H 18 29.06 -16.56 -23.37
C GLN H 18 29.60 -15.93 -22.10
N VAL H 19 30.91 -15.65 -22.08
CA VAL H 19 31.61 -15.21 -20.89
C VAL H 19 31.90 -13.73 -20.99
N MET H 20 31.49 -12.97 -19.97
CA MET H 20 31.71 -11.53 -19.92
C MET H 20 32.10 -11.14 -18.50
N ILE H 21 33.06 -10.22 -18.39
CA ILE H 21 33.50 -9.71 -17.10
C ILE H 21 32.61 -8.53 -16.76
N VAL H 22 31.83 -8.65 -15.68
CA VAL H 22 30.87 -7.63 -15.28
C VAL H 22 31.30 -7.09 -13.93
N TRP H 23 31.47 -5.76 -13.84
CA TRP H 23 31.81 -5.11 -12.59
C TRP H 23 30.52 -4.74 -11.87
N GLN H 24 30.33 -5.29 -10.67
CA GLN H 24 29.12 -5.05 -9.91
C GLN H 24 29.13 -3.63 -9.33
N VAL H 25 28.07 -2.89 -9.60
CA VAL H 25 27.96 -1.49 -9.18
C VAL H 25 26.53 -1.25 -8.70
N ASP H 26 26.40 -0.51 -7.60
CA ASP H 26 25.10 -0.26 -7.01
C ASP H 26 24.22 0.58 -7.92
N ARG H 27 22.94 0.65 -7.56
CA ARG H 27 21.95 1.33 -8.40
C ARG H 27 22.24 2.83 -8.53
N MET H 28 22.68 3.45 -7.43
CA MET H 28 22.90 4.90 -7.44
C MET H 28 23.96 5.29 -8.45
N ARG H 29 25.07 4.53 -8.50
CA ARG H 29 26.12 4.85 -9.45
C ARG H 29 25.68 4.60 -10.88
N ILE H 30 24.88 3.56 -11.12
CA ILE H 30 24.35 3.32 -12.46
C ILE H 30 23.48 4.50 -12.90
N ASN H 31 22.60 4.95 -12.02
CA ASN H 31 21.73 6.08 -12.35
C ASN H 31 22.54 7.34 -12.60
N THR H 32 23.55 7.59 -11.76
CA THR H 32 24.39 8.77 -11.95
C THR H 32 25.13 8.71 -13.28
N TRP H 33 25.66 7.54 -13.64
CA TRP H 33 26.36 7.40 -14.91
C TRP H 33 25.42 7.64 -16.08
N LYS H 34 24.22 7.06 -16.03
CA LYS H 34 23.27 7.22 -17.13
C LYS H 34 22.87 8.69 -17.27
N ARG H 35 22.56 9.35 -16.15
CA ARG H 35 22.16 10.75 -16.20
C ARG H 35 23.29 11.63 -16.70
N LEU H 36 24.51 11.39 -16.26
CA LEU H 36 25.64 12.19 -16.72
C LEU H 36 25.88 12.00 -18.21
N VAL H 37 25.82 10.76 -18.69
CA VAL H 37 26.03 10.49 -20.11
C VAL H 37 24.95 11.17 -20.95
N LYS H 38 23.69 11.06 -20.51
CA LYS H 38 22.60 11.67 -21.27
C LYS H 38 22.67 13.19 -21.21
N HIS H 39 23.11 13.76 -20.09
CA HIS H 39 23.28 15.20 -20.00
C HIS H 39 24.39 15.68 -20.93
N HIS H 40 25.50 14.93 -21.01
CA HIS H 40 26.58 15.31 -21.89
C HIS H 40 26.33 14.93 -23.35
N MET H 41 25.26 14.19 -23.63
CA MET H 41 24.91 13.90 -25.02
C MET H 41 24.00 14.96 -25.64
N TYR H 42 23.17 15.63 -24.84
CA TYR H 42 22.15 16.50 -25.41
C TYR H 42 22.19 17.92 -24.85
N ILE H 43 22.46 18.06 -23.55
CA ILE H 43 22.45 19.37 -22.93
C ILE H 43 23.79 20.06 -23.17
N SER H 44 24.87 19.45 -22.69
CA SER H 44 26.22 19.94 -22.89
C SER H 44 26.87 19.01 -23.92
N ARG H 45 26.70 19.32 -25.19
CA ARG H 45 27.04 18.40 -26.28
C ARG H 45 28.56 18.35 -26.52
N LYS H 46 29.27 17.85 -25.50
CA LYS H 46 30.66 17.47 -25.70
C LYS H 46 30.78 16.02 -26.18
N ALA H 47 30.04 15.12 -25.55
CA ALA H 47 29.95 13.73 -25.99
C ALA H 47 28.75 13.53 -26.92
N LYS H 48 28.65 14.36 -27.96
CA LYS H 48 27.53 14.28 -28.88
C LYS H 48 27.65 13.15 -29.88
N ASP H 49 28.84 12.57 -30.03
CA ASP H 49 29.05 11.45 -30.94
C ASP H 49 28.72 10.11 -30.32
N TRP H 50 28.45 10.07 -29.01
CA TRP H 50 28.15 8.81 -28.35
C TRP H 50 26.76 8.33 -28.74
N PHE H 51 26.65 7.04 -29.05
CA PHE H 51 25.38 6.42 -29.41
C PHE H 51 24.82 5.66 -28.22
N TYR H 52 23.58 5.99 -27.85
CA TYR H 52 22.91 5.37 -26.71
C TYR H 52 21.84 4.42 -27.24
N ARG H 53 22.14 3.13 -27.23
CA ARG H 53 21.19 2.11 -27.64
C ARG H 53 20.43 1.59 -26.43
N HIS H 54 19.11 1.54 -26.54
CA HIS H 54 18.26 1.19 -25.41
C HIS H 54 18.28 -0.32 -25.18
N HIS H 55 17.58 -0.74 -24.12
CA HIS H 55 17.62 -2.13 -23.68
C HIS H 55 16.87 -3.07 -24.61
N TYR H 56 15.88 -2.58 -25.34
CA TYR H 56 15.07 -3.45 -26.20
C TYR H 56 15.75 -3.76 -27.52
N GLU H 57 16.89 -3.15 -27.81
CA GLU H 57 17.62 -3.43 -29.05
C GLU H 57 18.66 -4.52 -28.91
N SER H 58 18.76 -5.14 -27.74
CA SER H 58 19.73 -6.20 -27.48
C SER H 58 19.00 -7.51 -27.21
N THR H 59 19.52 -8.61 -27.76
CA THR H 59 18.93 -9.92 -27.54
C THR H 59 19.15 -10.42 -26.12
N ASN H 60 20.13 -9.87 -25.40
CA ASN H 60 20.36 -10.26 -24.03
C ASN H 60 19.25 -9.73 -23.14
N PRO H 61 18.50 -10.59 -22.43
CA PRO H 61 17.38 -10.11 -21.62
C PRO H 61 17.79 -9.32 -20.39
N LYS H 62 19.06 -9.38 -19.99
CA LYS H 62 19.52 -8.72 -18.77
C LYS H 62 20.48 -7.57 -19.09
N ILE H 63 20.18 -6.80 -20.13
CA ILE H 63 20.92 -5.59 -20.45
C ILE H 63 20.02 -4.40 -20.17
N SER H 64 20.46 -3.52 -19.28
CA SER H 64 19.69 -2.33 -18.93
C SER H 64 19.94 -1.18 -19.90
N SER H 65 21.19 -0.98 -20.29
CA SER H 65 21.53 0.11 -21.19
C SER H 65 22.82 -0.21 -21.92
N GLU H 66 23.06 0.50 -23.02
CA GLU H 66 24.24 0.30 -23.83
C GLU H 66 24.68 1.63 -24.41
N VAL H 67 25.91 2.03 -24.12
CA VAL H 67 26.47 3.29 -24.60
C VAL H 67 27.61 2.97 -25.56
N HIS H 68 27.52 3.47 -26.78
CA HIS H 68 28.55 3.28 -27.80
C HIS H 68 29.34 4.57 -27.95
N ILE H 69 30.66 4.47 -27.85
CA ILE H 69 31.55 5.62 -27.97
C ILE H 69 32.48 5.38 -29.15
N PRO H 70 32.29 6.08 -30.27
CA PRO H 70 33.16 5.86 -31.43
C PRO H 70 34.57 6.37 -31.17
N LEU H 71 35.55 5.48 -31.34
CA LEU H 71 36.97 5.80 -31.24
C LEU H 71 37.61 5.41 -32.56
N GLY H 72 37.89 6.40 -33.40
CA GLY H 72 38.40 6.11 -34.73
C GLY H 72 37.39 5.29 -35.51
N ASP H 73 37.86 4.17 -36.05
CA ASP H 73 36.99 3.24 -36.76
C ASP H 73 36.43 2.14 -35.87
N ALA H 74 36.75 2.15 -34.58
CA ALA H 74 36.26 1.17 -33.62
C ALA H 74 35.27 1.84 -32.67
N LYS H 75 34.74 1.06 -31.74
CA LYS H 75 33.81 1.62 -30.77
C LYS H 75 34.01 0.97 -29.41
N LEU H 76 33.99 1.80 -28.37
CA LEU H 76 34.00 1.33 -26.98
C LEU H 76 32.55 1.23 -26.52
N VAL H 77 32.14 0.02 -26.17
CA VAL H 77 30.77 -0.25 -25.75
C VAL H 77 30.77 -0.47 -24.24
N ILE H 78 29.99 0.33 -23.53
CA ILE H 78 29.78 0.19 -22.09
C ILE H 78 28.33 -0.25 -21.91
N THR H 79 28.13 -1.49 -21.50
CA THR H 79 26.79 -2.05 -21.33
C THR H 79 26.52 -2.27 -19.85
N THR H 80 25.43 -1.70 -19.36
CA THR H 80 25.00 -1.85 -17.99
C THR H 80 23.87 -2.87 -17.93
N TYR H 81 24.00 -3.82 -17.02
CA TYR H 81 23.08 -4.93 -16.84
C TYR H 81 22.28 -4.77 -15.56
N TRP H 82 21.02 -5.20 -15.61
CA TRP H 82 20.16 -5.23 -14.44
C TRP H 82 19.61 -6.64 -14.26
N GLY H 83 19.14 -6.91 -13.04
CA GLY H 83 18.55 -8.21 -12.75
C GLY H 83 19.52 -9.36 -12.83
N LEU H 84 20.78 -9.14 -12.49
CA LEU H 84 21.77 -10.21 -12.43
C LEU H 84 21.70 -10.91 -11.08
N HIS H 85 22.60 -11.85 -10.87
CA HIS H 85 22.69 -12.52 -9.58
C HIS H 85 23.18 -11.53 -8.51
N THR H 86 22.74 -11.75 -7.28
CA THR H 86 23.14 -10.88 -6.18
C THR H 86 24.64 -10.99 -5.94
N GLY H 87 25.23 -9.88 -5.51
CA GLY H 87 26.64 -9.84 -5.20
C GLY H 87 26.93 -10.21 -3.76
N GLU H 88 28.22 -10.24 -3.43
CA GLU H 88 28.62 -10.52 -2.06
C GLU H 88 28.27 -9.37 -1.13
N ARG H 89 28.39 -8.13 -1.62
CA ARG H 89 28.08 -6.97 -0.81
C ARG H 89 26.58 -6.75 -0.72
N ASP H 90 26.19 -5.86 0.21
CA ASP H 90 24.77 -5.64 0.47
C ASP H 90 24.07 -5.00 -0.72
N TRP H 91 24.71 -4.03 -1.36
CA TRP H 91 24.06 -3.23 -2.41
C TRP H 91 24.40 -3.70 -3.81
N HIS H 92 25.06 -4.86 -3.95
CA HIS H 92 25.24 -5.49 -5.26
C HIS H 92 24.03 -6.38 -5.51
N LEU H 93 22.93 -5.75 -5.92
CA LEU H 93 21.63 -6.38 -5.98
C LEU H 93 21.31 -6.98 -7.35
N GLY H 94 22.26 -6.92 -8.29
CA GLY H 94 22.03 -7.52 -9.59
C GLY H 94 22.25 -6.58 -10.76
N GLN H 95 22.92 -5.47 -10.52
CA GLN H 95 23.27 -4.51 -11.56
C GLN H 95 24.78 -4.47 -11.71
N GLY H 96 25.26 -4.36 -12.95
CA GLY H 96 26.67 -4.34 -13.22
C GLY H 96 26.99 -3.59 -14.49
N VAL H 97 28.27 -3.45 -14.77
CA VAL H 97 28.74 -2.78 -15.97
C VAL H 97 29.86 -3.59 -16.59
N SER H 98 29.81 -3.76 -17.92
CA SER H 98 30.89 -4.40 -18.66
C SER H 98 31.31 -3.49 -19.81
N ILE H 99 32.62 -3.32 -19.96
CA ILE H 99 33.19 -2.42 -20.95
C ILE H 99 34.04 -3.24 -21.93
N GLU H 100 33.81 -3.04 -23.22
CA GLU H 100 34.55 -3.74 -24.25
C GLU H 100 34.87 -2.79 -25.39
N TRP H 101 35.82 -3.19 -26.23
CA TRP H 101 36.26 -2.43 -27.38
C TRP H 101 36.14 -3.33 -28.60
N ARG H 102 35.38 -2.90 -29.60
CA ARG H 102 35.14 -3.73 -30.78
C ARG H 102 35.51 -2.99 -32.06
N LYS H 103 36.13 -3.72 -32.97
CA LYS H 103 36.51 -3.23 -34.29
C LYS H 103 36.32 -4.39 -35.28
N LYS H 104 35.49 -4.18 -36.28
CA LYS H 104 35.27 -5.14 -37.37
C LYS H 104 34.93 -6.53 -36.82
N ARG H 105 33.92 -6.55 -35.94
CA ARG H 105 33.43 -7.79 -35.33
C ARG H 105 34.52 -8.50 -34.51
N TYR H 106 35.49 -7.74 -34.01
CA TYR H 106 36.50 -8.25 -33.08
C TYR H 106 36.37 -7.47 -31.79
N SER H 107 35.92 -8.14 -30.72
CA SER H 107 35.67 -7.50 -29.44
C SER H 107 36.62 -8.03 -28.37
N THR H 108 37.15 -7.11 -27.57
CA THR H 108 38.00 -7.47 -26.45
C THR H 108 37.55 -6.68 -25.21
N GLN H 109 37.47 -7.37 -24.09
CA GLN H 109 37.09 -6.70 -22.84
C GLN H 109 38.20 -5.75 -22.40
N VAL H 110 37.78 -4.60 -21.87
CA VAL H 110 38.69 -3.52 -21.49
C VAL H 110 38.42 -3.13 -20.04
N ASP H 111 39.50 -2.99 -19.26
CA ASP H 111 39.36 -2.54 -17.89
C ASP H 111 38.91 -1.09 -17.84
N PRO H 112 38.24 -0.67 -16.76
CA PRO H 112 37.74 0.71 -16.70
C PRO H 112 38.82 1.78 -16.82
N ASP H 113 40.02 1.54 -16.27
CA ASP H 113 41.08 2.53 -16.37
C ASP H 113 41.49 2.77 -17.82
N LEU H 114 41.65 1.69 -18.58
CA LEU H 114 42.00 1.82 -19.99
C LEU H 114 40.87 2.49 -20.78
N ALA H 115 39.62 2.18 -20.43
CA ALA H 115 38.49 2.82 -21.07
C ALA H 115 38.49 4.33 -20.83
N ASP H 116 38.75 4.73 -19.58
CA ASP H 116 38.81 6.16 -19.27
C ASP H 116 39.98 6.82 -19.98
N GLN H 117 41.11 6.13 -20.07
CA GLN H 117 42.25 6.68 -20.81
C GLN H 117 41.90 6.88 -22.28
N LEU H 118 41.21 5.92 -22.89
CA LEU H 118 40.79 6.07 -24.28
C LEU H 118 39.81 7.22 -24.44
N ILE H 119 38.87 7.36 -23.49
CA ILE H 119 37.88 8.45 -23.56
C ILE H 119 38.58 9.80 -23.50
N HIS H 120 39.52 9.95 -22.56
CA HIS H 120 40.26 11.20 -22.46
C HIS H 120 41.19 11.43 -23.63
N LEU H 121 41.64 10.36 -24.29
CA LEU H 121 42.49 10.52 -25.47
C LEU H 121 41.68 10.99 -26.68
N HIS H 122 40.46 10.48 -26.83
CA HIS H 122 39.65 10.78 -28.01
C HIS H 122 38.61 11.87 -27.81
N TYR H 123 38.23 12.15 -26.58
CA TYR H 123 37.14 13.11 -26.38
C TYR H 123 37.49 14.25 -25.43
N PHE H 124 38.24 13.98 -24.37
CA PHE H 124 38.57 15.03 -23.40
C PHE H 124 40.06 15.03 -23.05
N LYS H 134 29.36 22.67 -11.97
CA LYS H 134 29.22 21.96 -13.24
C LYS H 134 29.07 20.46 -13.01
N PRO H 135 28.32 19.79 -13.89
CA PRO H 135 28.19 18.33 -13.79
C PRO H 135 29.48 17.66 -14.21
N PRO H 136 29.98 16.71 -13.43
CA PRO H 136 31.24 16.05 -13.77
C PRO H 136 31.12 15.24 -15.05
N LEU H 137 32.23 15.14 -15.78
CA LEU H 137 32.26 14.37 -17.00
C LEU H 137 32.08 12.88 -16.70
N PRO H 138 31.41 12.13 -17.56
CA PRO H 138 31.17 10.70 -17.28
C PRO H 138 32.48 9.92 -17.35
N SER H 139 32.84 9.29 -16.23
CA SER H 139 34.06 8.50 -16.13
C SER H 139 33.70 7.06 -15.75
N VAL H 140 34.29 6.11 -16.47
CA VAL H 140 34.00 4.70 -16.20
C VAL H 140 34.63 4.26 -14.88
N ARG H 141 35.78 4.83 -14.52
CA ARG H 141 36.47 4.42 -13.29
C ARG H 141 35.62 4.73 -12.07
N LYS H 142 34.99 5.91 -12.02
CA LYS H 142 34.13 6.24 -10.89
C LYS H 142 32.89 5.36 -10.86
N LEU H 143 32.35 5.01 -12.02
CA LEU H 143 31.17 4.17 -12.07
C LEU H 143 31.48 2.75 -11.56
N THR H 144 32.60 2.19 -11.99
CA THR H 144 32.92 0.79 -11.71
C THR H 144 33.66 0.59 -10.39
N GLU H 145 34.15 1.66 -9.75
CA GLU H 145 34.91 1.48 -8.53
C GLU H 145 34.00 0.99 -7.40
N ASP H 146 34.52 0.06 -6.60
CA ASP H 146 33.76 -0.55 -5.51
C ASP H 146 33.99 0.25 -4.25
N ARG H 147 32.99 1.04 -3.86
CA ARG H 147 33.05 1.82 -2.62
C ARG H 147 32.61 1.01 -1.40
N TRP H 148 32.14 -0.22 -1.60
CA TRP H 148 31.72 -1.08 -0.50
C TRP H 148 32.79 -2.10 -0.10
N ASN H 149 33.86 -2.23 -0.88
CA ASN H 149 34.95 -3.13 -0.56
C ASN H 149 36.21 -2.39 -0.13
N LYS H 150 36.12 -1.08 0.08
CA LYS H 150 37.28 -0.29 0.48
C LYS H 150 36.86 0.91 1.31
N PHE I 17 47.05 -4.82 -13.44
CA PHE I 17 45.66 -5.24 -13.53
C PHE I 17 45.58 -6.75 -13.70
N PHE I 18 46.33 -7.28 -14.67
CA PHE I 18 46.37 -8.72 -14.88
C PHE I 18 46.98 -9.44 -13.68
N ARG I 19 48.04 -8.86 -13.10
CA ARG I 19 48.73 -9.51 -11.99
C ARG I 19 47.85 -9.62 -10.76
N LYS I 20 46.96 -8.64 -10.53
CA LYS I 20 46.08 -8.69 -9.38
C LYS I 20 45.17 -9.91 -9.43
N LEU I 21 44.62 -10.21 -10.62
CA LEU I 21 43.79 -11.39 -10.78
C LEU I 21 44.60 -12.68 -10.84
N SER I 22 45.80 -12.63 -11.42
CA SER I 22 46.57 -13.85 -11.61
C SER I 22 47.21 -14.34 -10.30
N ARG I 23 47.67 -13.41 -9.46
CA ARG I 23 48.44 -13.81 -8.28
C ARG I 23 47.53 -14.44 -7.23
N GLU I 24 46.58 -13.67 -6.71
CA GLU I 24 45.68 -14.15 -5.67
C GLU I 24 44.26 -13.82 -6.08
N CYS I 25 43.40 -14.84 -6.13
CA CYS I 25 42.00 -14.65 -6.51
C CYS I 25 41.21 -15.87 -6.08
N GLU I 26 40.07 -15.63 -5.43
CA GLU I 26 39.14 -16.67 -5.04
C GLU I 26 37.73 -16.27 -5.46
N ILE I 27 36.92 -17.26 -5.81
CA ILE I 27 35.60 -17.03 -6.37
C ILE I 27 34.56 -17.75 -5.52
N LYS I 28 33.34 -17.22 -5.54
CA LYS I 28 32.23 -17.83 -4.82
C LYS I 28 30.94 -17.51 -5.54
N TYR I 29 29.92 -18.31 -5.28
CA TYR I 29 28.61 -18.17 -5.90
C TYR I 29 27.64 -17.55 -4.90
N THR I 30 27.00 -16.45 -5.30
CA THR I 30 26.06 -15.73 -4.47
C THR I 30 24.78 -15.43 -5.25
N GLY I 31 24.32 -16.39 -6.05
CA GLY I 31 23.21 -16.14 -6.94
C GLY I 31 21.92 -15.79 -6.21
N PHE I 32 21.59 -16.57 -5.18
CA PHE I 32 20.38 -16.34 -4.38
C PHE I 32 20.80 -16.35 -2.91
N ARG I 33 21.24 -15.20 -2.42
CA ARG I 33 21.74 -15.13 -1.06
C ARG I 33 20.63 -15.03 -0.02
N ASP I 34 19.39 -14.76 -0.43
CA ASP I 34 18.27 -14.71 0.50
C ASP I 34 17.58 -16.05 0.68
N ARG I 35 18.05 -17.10 0.02
CA ARG I 35 17.42 -18.41 0.08
C ARG I 35 18.27 -19.37 0.91
N PRO I 36 17.66 -20.42 1.46
CA PRO I 36 18.45 -21.38 2.26
C PRO I 36 19.52 -22.07 1.41
N HIS I 37 20.53 -22.58 2.11
CA HIS I 37 21.72 -23.11 1.44
C HIS I 37 21.38 -24.29 0.54
N GLU I 38 20.47 -25.16 0.99
CA GLU I 38 20.06 -26.29 0.15
C GLU I 38 19.38 -25.82 -1.13
N GLU I 39 18.52 -24.80 -1.01
CA GLU I 39 17.87 -24.26 -2.21
C GLU I 39 18.89 -23.61 -3.13
N ARG I 40 19.91 -22.96 -2.56
CA ARG I 40 20.98 -22.39 -3.38
C ARG I 40 21.71 -23.49 -4.13
N GLN I 41 22.03 -24.60 -3.45
CA GLN I 41 22.70 -25.71 -4.11
C GLN I 41 21.85 -26.27 -5.24
N ALA I 42 20.54 -26.45 -4.99
CA ALA I 42 19.65 -26.98 -6.03
C ALA I 42 19.58 -26.04 -7.22
N ARG I 43 19.46 -24.73 -6.96
CA ARG I 43 19.39 -23.76 -8.05
C ARG I 43 20.67 -23.75 -8.87
N PHE I 44 21.83 -23.80 -8.19
CA PHE I 44 23.10 -23.82 -8.91
C PHE I 44 23.24 -25.10 -9.73
N GLN I 45 22.84 -26.24 -9.17
CA GLN I 45 22.88 -27.50 -9.92
C GLN I 45 22.01 -27.42 -11.16
N ASN I 46 20.80 -26.88 -11.03
CA ASN I 46 19.92 -26.75 -12.19
C ASN I 46 20.55 -25.85 -13.24
N ALA I 47 21.06 -24.69 -12.83
CA ALA I 47 21.62 -23.72 -13.77
C ALA I 47 22.86 -24.26 -14.45
N CYS I 48 23.62 -25.12 -13.77
CA CYS I 48 24.75 -25.77 -14.43
C CYS I 48 24.30 -26.91 -15.34
N ARG I 49 23.20 -27.57 -14.99
CA ARG I 49 22.74 -28.70 -15.80
C ARG I 49 22.16 -28.23 -17.14
N ASP I 50 21.33 -27.19 -17.13
CA ASP I 50 20.79 -26.66 -18.37
C ASP I 50 21.36 -25.27 -18.63
N GLY I 51 21.69 -25.00 -19.90
CA GLY I 51 22.31 -23.74 -20.26
C GLY I 51 21.31 -22.64 -20.54
N ARG I 52 20.20 -22.63 -19.81
CA ARG I 52 19.16 -21.64 -19.99
C ARG I 52 19.17 -20.57 -18.90
N SER I 53 20.09 -20.66 -17.93
CA SER I 53 20.17 -19.71 -16.85
C SER I 53 21.61 -19.27 -16.66
N GLU I 54 21.80 -17.99 -16.34
CA GLU I 54 23.13 -17.45 -16.12
C GLU I 54 23.68 -17.89 -14.76
N ILE I 55 25.00 -18.00 -14.68
CA ILE I 55 25.69 -18.27 -13.43
C ILE I 55 26.78 -17.23 -13.25
N ALA I 56 26.83 -16.62 -12.07
CA ALA I 56 27.79 -15.57 -11.77
C ALA I 56 28.68 -15.99 -10.60
N PHE I 57 29.96 -15.71 -10.73
CA PHE I 57 30.94 -16.00 -9.68
C PHE I 57 31.65 -14.70 -9.31
N VAL I 58 31.63 -14.35 -8.03
CA VAL I 58 32.11 -13.07 -7.55
C VAL I 58 33.47 -13.26 -6.88
N ALA I 59 34.43 -12.42 -7.24
CA ALA I 59 35.69 -12.39 -6.50
C ALA I 59 35.44 -11.87 -5.09
N THR I 60 35.98 -12.57 -4.09
CA THR I 60 35.70 -12.23 -2.70
C THR I 60 36.26 -10.86 -2.34
N GLY I 61 37.47 -10.54 -2.79
CA GLY I 61 38.12 -9.32 -2.41
C GLY I 61 37.73 -8.07 -3.17
N THR I 62 36.98 -8.20 -4.26
CA THR I 62 36.63 -7.06 -5.10
C THR I 62 35.17 -7.19 -5.53
N ASN I 63 34.75 -6.28 -6.40
CA ASN I 63 33.42 -6.32 -7.01
C ASN I 63 33.42 -7.00 -8.37
N LEU I 64 34.55 -7.58 -8.76
CA LEU I 64 34.64 -8.26 -10.05
C LEU I 64 33.75 -9.51 -10.06
N SER I 65 33.06 -9.72 -11.16
CA SER I 65 32.17 -10.85 -11.35
C SER I 65 32.38 -11.47 -12.72
N LEU I 66 32.36 -12.79 -12.77
CA LEU I 66 32.43 -13.55 -14.02
C LEU I 66 31.07 -14.15 -14.26
N GLN I 67 30.42 -13.75 -15.35
CA GLN I 67 29.07 -14.18 -15.67
C GLN I 67 29.10 -15.06 -16.92
N PHE I 68 28.48 -16.23 -16.82
CA PHE I 68 28.40 -17.16 -17.94
C PHE I 68 27.00 -17.03 -18.54
N PHE I 69 26.87 -16.09 -19.46
CA PHE I 69 25.58 -15.94 -20.14
C PHE I 69 25.39 -17.08 -21.15
N PRO I 70 24.15 -17.53 -21.34
CA PRO I 70 23.90 -18.53 -22.39
C PRO I 70 24.25 -17.97 -23.77
N ALA I 71 24.69 -18.87 -24.65
CA ALA I 71 25.11 -18.46 -25.99
C ALA I 71 23.95 -17.91 -26.81
N SER I 72 22.71 -18.23 -26.44
CA SER I 72 21.56 -17.70 -27.16
C SER I 72 21.29 -16.23 -26.83
N TRP I 73 21.90 -15.71 -25.77
CA TRP I 73 21.67 -14.33 -25.37
C TRP I 73 22.56 -13.33 -26.10
N GLN I 74 23.54 -13.80 -26.86
CA GLN I 74 24.42 -12.90 -27.60
C GLN I 74 24.02 -12.82 -29.07
N ARG I 83 34.61 -23.38 -26.72
CA ARG I 83 35.53 -24.10 -25.84
C ARG I 83 35.48 -23.56 -24.42
N GLU I 84 34.41 -22.83 -24.12
CA GLU I 84 34.11 -22.36 -22.76
C GLU I 84 33.04 -23.27 -22.20
N TYR I 85 33.33 -23.90 -21.05
CA TYR I 85 32.46 -24.93 -20.52
C TYR I 85 32.29 -24.79 -19.02
N VAL I 86 31.16 -25.29 -18.53
CA VAL I 86 30.92 -25.56 -17.12
C VAL I 86 30.54 -27.02 -17.01
N ASP I 87 31.11 -27.73 -16.05
CA ASP I 87 30.87 -29.17 -16.01
C ASP I 87 30.93 -29.70 -14.58
N LEU I 88 30.26 -30.83 -14.37
CA LEU I 88 30.25 -31.54 -13.11
C LEU I 88 30.91 -32.91 -13.19
N GLU I 89 31.14 -33.43 -14.40
CA GLU I 89 31.57 -34.82 -14.57
C GLU I 89 33.03 -35.04 -14.20
N ARG I 90 33.85 -33.98 -14.18
CA ARG I 90 35.26 -34.15 -13.88
C ARG I 90 35.47 -34.66 -12.46
N GLU I 91 34.70 -34.15 -11.50
CA GLU I 91 34.82 -34.60 -10.12
C GLU I 91 33.45 -34.52 -9.47
N ALA I 92 33.11 -35.56 -8.70
CA ALA I 92 31.83 -35.58 -7.99
C ALA I 92 31.83 -34.52 -6.89
N GLY I 93 30.73 -33.78 -6.80
CA GLY I 93 30.62 -32.72 -5.82
C GLY I 93 31.41 -31.48 -6.13
N LYS I 94 31.82 -31.30 -7.39
CA LYS I 94 32.59 -30.13 -7.78
C LYS I 94 32.12 -29.65 -9.14
N VAL I 95 32.28 -28.35 -9.39
CA VAL I 95 31.95 -27.72 -10.66
C VAL I 95 33.23 -27.09 -11.20
N TYR I 96 33.59 -27.44 -12.42
CA TYR I 96 34.78 -26.92 -13.08
C TYR I 96 34.36 -25.99 -14.22
N LEU I 97 35.06 -24.86 -14.32
CA LEU I 97 34.69 -23.76 -15.19
C LEU I 97 35.91 -23.36 -16.02
N LYS I 98 35.74 -23.35 -17.35
CA LYS I 98 36.78 -22.89 -18.27
C LYS I 98 36.18 -21.80 -19.13
N ALA I 99 36.81 -20.62 -19.13
CA ALA I 99 36.28 -19.46 -19.83
C ALA I 99 37.39 -18.72 -20.56
N PRO I 100 37.57 -18.96 -21.85
CA PRO I 100 38.49 -18.14 -22.63
C PRO I 100 37.86 -16.81 -23.00
N MET I 101 38.65 -15.74 -22.89
CA MET I 101 38.16 -14.41 -23.22
C MET I 101 39.34 -13.53 -23.62
N ILE I 102 39.08 -12.59 -24.53
CA ILE I 102 40.08 -11.63 -24.96
C ILE I 102 39.95 -10.40 -24.07
N LEU I 103 40.91 -10.21 -23.17
CA LEU I 103 40.92 -9.09 -22.24
C LEU I 103 42.03 -8.13 -22.62
N ASN I 104 41.69 -6.85 -22.78
CA ASN I 104 42.67 -5.80 -23.10
C ASN I 104 43.50 -6.15 -24.32
N GLY I 105 42.88 -6.84 -25.28
CA GLY I 105 43.53 -7.18 -26.52
C GLY I 105 44.36 -8.44 -26.51
N VAL I 106 44.51 -9.10 -25.35
CA VAL I 106 45.27 -10.34 -25.25
C VAL I 106 44.33 -11.45 -24.79
N CYS I 107 44.40 -12.59 -25.45
CA CYS I 107 43.57 -13.73 -25.08
C CYS I 107 44.08 -14.35 -23.78
N VAL I 108 43.17 -14.59 -22.84
CA VAL I 108 43.48 -15.23 -21.57
C VAL I 108 42.40 -16.27 -21.29
N ILE I 109 42.68 -17.12 -20.31
CA ILE I 109 41.74 -18.14 -19.87
C ILE I 109 41.43 -17.91 -18.41
N TRP I 110 40.21 -18.24 -18.02
CA TRP I 110 39.79 -18.22 -16.62
C TRP I 110 39.46 -19.65 -16.23
N LYS I 111 40.24 -20.21 -15.30
CA LYS I 111 40.05 -21.56 -14.82
C LYS I 111 39.55 -21.50 -13.38
N GLY I 112 38.46 -22.19 -13.10
CA GLY I 112 37.89 -22.14 -11.77
C GLY I 112 37.25 -23.47 -11.38
N TRP I 113 37.06 -23.62 -10.09
CA TRP I 113 36.37 -24.77 -9.52
C TRP I 113 35.72 -24.36 -8.22
N ILE I 114 34.48 -24.82 -8.01
CA ILE I 114 33.79 -24.59 -6.74
C ILE I 114 33.10 -25.89 -6.33
N ASP I 115 33.15 -26.21 -5.04
CA ASP I 115 32.51 -27.44 -4.60
C ASP I 115 31.03 -27.21 -4.33
N LEU I 116 30.26 -28.30 -4.40
CA LEU I 116 28.80 -28.21 -4.36
C LEU I 116 28.32 -27.69 -3.01
N GLN I 117 28.89 -28.20 -1.92
CA GLN I 117 28.31 -27.94 -0.60
C GLN I 117 28.44 -26.48 -0.20
N ARG I 118 29.64 -25.91 -0.31
CA ARG I 118 29.88 -24.55 0.15
C ARG I 118 29.65 -23.50 -0.93
N LEU I 119 29.47 -23.90 -2.18
CA LEU I 119 29.31 -22.95 -3.30
C LEU I 119 30.47 -21.96 -3.33
N ASP I 120 31.68 -22.46 -3.09
CA ASP I 120 32.88 -21.66 -3.01
C ASP I 120 34.02 -22.43 -3.67
N GLY I 121 35.07 -21.72 -4.03
CA GLY I 121 36.21 -22.37 -4.63
C GLY I 121 37.26 -21.39 -5.09
N MET I 122 38.13 -21.88 -5.97
CA MET I 122 39.28 -21.13 -6.47
C MET I 122 39.10 -20.87 -7.96
N GLY I 123 39.30 -19.61 -8.36
CA GLY I 123 39.27 -19.25 -9.77
C GLY I 123 40.32 -18.21 -10.09
N CYS I 124 41.02 -18.38 -11.22
CA CYS I 124 42.14 -17.50 -11.53
C CYS I 124 42.34 -17.43 -13.05
N LEU I 125 43.04 -16.38 -13.46
CA LEU I 125 43.37 -16.14 -14.85
C LEU I 125 44.74 -16.71 -15.20
N GLU I 126 44.86 -17.20 -16.43
CA GLU I 126 46.11 -17.73 -16.95
C GLU I 126 46.26 -17.31 -18.41
N PHE I 127 47.48 -17.43 -18.92
CA PHE I 127 47.75 -17.13 -20.32
C PHE I 127 47.62 -18.40 -21.16
N ASP I 128 46.86 -18.29 -22.25
CA ASP I 128 46.66 -19.43 -23.15
C ASP I 128 47.30 -19.19 -24.51
N MET J 20 -19.75 -33.59 -13.81
CA MET J 20 -18.51 -33.13 -13.20
C MET J 20 -18.78 -32.45 -11.86
N ILE J 21 -17.90 -32.71 -10.89
CA ILE J 21 -18.01 -32.12 -9.55
C ILE J 21 -17.01 -30.97 -9.47
N VAL J 22 -17.50 -29.78 -9.13
CA VAL J 22 -16.69 -28.59 -9.02
C VAL J 22 -16.86 -28.01 -7.64
N TRP J 23 -15.75 -27.73 -6.96
CA TRP J 23 -15.75 -27.17 -5.61
C TRP J 23 -15.50 -25.67 -5.70
N GLN J 24 -16.34 -24.89 -5.03
CA GLN J 24 -16.18 -23.44 -5.05
C GLN J 24 -14.93 -23.02 -4.30
N VAL J 25 -14.09 -22.21 -4.95
CA VAL J 25 -12.83 -21.77 -4.37
C VAL J 25 -12.65 -20.28 -4.69
N ASP J 26 -11.98 -19.57 -3.79
CA ASP J 26 -11.63 -18.18 -4.02
C ASP J 26 -10.51 -18.08 -5.05
N ARG J 27 -10.43 -16.92 -5.70
CA ARG J 27 -9.42 -16.72 -6.73
C ARG J 27 -8.01 -16.69 -6.14
N MET J 28 -7.86 -16.24 -4.90
CA MET J 28 -6.54 -16.19 -4.27
C MET J 28 -5.96 -17.59 -4.11
N ARG J 29 -6.79 -18.55 -3.70
CA ARG J 29 -6.31 -19.92 -3.56
C ARG J 29 -5.93 -20.52 -4.91
N ILE J 30 -6.70 -20.20 -5.95
CA ILE J 30 -6.35 -20.66 -7.30
C ILE J 30 -5.01 -20.08 -7.73
N ASN J 31 -4.79 -18.79 -7.47
CA ASN J 31 -3.51 -18.18 -7.82
C ASN J 31 -2.37 -18.82 -7.06
N THR J 32 -2.55 -19.07 -5.76
CA THR J 32 -1.49 -19.73 -4.99
C THR J 32 -1.22 -21.14 -5.52
N TRP J 33 -2.28 -21.88 -5.86
CA TRP J 33 -2.12 -23.22 -6.40
C TRP J 33 -1.32 -23.20 -7.70
N LYS J 34 -1.69 -22.32 -8.62
CA LYS J 34 -0.99 -22.27 -9.91
C LYS J 34 0.44 -21.79 -9.73
N ARG J 35 0.68 -20.83 -8.83
CA ARG J 35 2.04 -20.37 -8.58
C ARG J 35 2.91 -21.47 -8.00
N LEU J 36 2.38 -22.22 -7.03
CA LEU J 36 3.15 -23.32 -6.45
C LEU J 36 3.41 -24.41 -7.46
N VAL J 37 2.42 -24.71 -8.31
CA VAL J 37 2.60 -25.74 -9.33
C VAL J 37 3.68 -25.33 -10.32
N LYS J 38 3.62 -24.09 -10.80
CA LYS J 38 4.64 -23.60 -11.72
C LYS J 38 6.02 -23.62 -11.07
N HIS J 39 6.10 -23.18 -9.81
CA HIS J 39 7.37 -23.23 -9.09
C HIS J 39 7.93 -24.64 -9.05
N HIS J 40 7.11 -25.61 -8.65
CA HIS J 40 7.62 -26.96 -8.44
C HIS J 40 7.88 -27.71 -9.74
N MET J 41 7.31 -27.28 -10.86
CA MET J 41 7.71 -27.88 -12.13
C MET J 41 8.84 -27.15 -12.85
N TYR J 42 9.12 -25.90 -12.51
CA TYR J 42 10.15 -25.16 -13.22
C TYR J 42 11.40 -24.87 -12.38
N ILE J 43 11.24 -24.26 -11.21
CA ILE J 43 12.40 -23.83 -10.43
C ILE J 43 12.81 -24.95 -9.47
N SER J 44 11.88 -25.36 -8.61
CA SER J 44 12.19 -26.41 -7.64
C SER J 44 12.44 -27.75 -8.33
N ARG J 45 11.71 -28.01 -9.42
CA ARG J 45 11.84 -29.23 -10.22
C ARG J 45 11.54 -30.50 -9.43
N LYS J 46 10.87 -30.36 -8.28
CA LYS J 46 10.41 -31.55 -7.56
C LYS J 46 9.26 -32.23 -8.30
N ALA J 47 8.42 -31.45 -8.97
CA ALA J 47 7.32 -31.95 -9.78
C ALA J 47 7.53 -31.62 -11.25
N LYS J 48 8.77 -31.74 -11.72
CA LYS J 48 9.08 -31.39 -13.11
C LYS J 48 8.39 -32.31 -14.11
N ASP J 49 8.04 -33.54 -13.70
CA ASP J 49 7.36 -34.46 -14.60
C ASP J 49 5.92 -34.05 -14.89
N TRP J 50 5.37 -33.12 -14.13
CA TRP J 50 4.00 -32.67 -14.35
C TRP J 50 3.91 -31.84 -15.62
N PHE J 51 2.68 -31.70 -16.12
CA PHE J 51 2.39 -30.90 -17.30
C PHE J 51 1.39 -29.82 -16.95
N TYR J 52 1.55 -28.66 -17.57
CA TYR J 52 0.68 -27.51 -17.33
C TYR J 52 0.08 -27.07 -18.65
N ARG J 53 -1.23 -27.23 -18.79
CA ARG J 53 -1.96 -26.81 -19.98
C ARG J 53 -2.65 -25.48 -19.70
N HIS J 54 -2.39 -24.49 -20.55
CA HIS J 54 -2.91 -23.14 -20.36
C HIS J 54 -4.35 -23.05 -20.87
N HIS J 55 -4.91 -21.84 -20.78
CA HIS J 55 -6.29 -21.63 -21.21
C HIS J 55 -6.45 -21.81 -22.70
N TYR J 56 -5.49 -21.31 -23.50
CA TYR J 56 -5.65 -21.30 -24.95
C TYR J 56 -5.50 -22.68 -25.58
N GLU J 57 -5.05 -23.69 -24.84
CA GLU J 57 -4.97 -25.04 -25.37
C GLU J 57 -6.19 -25.88 -24.99
N SER J 58 -7.21 -25.28 -24.40
CA SER J 58 -8.43 -25.98 -24.00
C SER J 58 -9.61 -25.45 -24.79
N THR J 59 -10.43 -26.39 -25.29
CA THR J 59 -11.61 -26.00 -26.06
C THR J 59 -12.69 -25.40 -25.17
N ASN J 60 -12.73 -25.77 -23.90
CA ASN J 60 -13.73 -25.24 -22.98
C ASN J 60 -13.41 -23.79 -22.65
N PRO J 61 -14.31 -22.84 -22.93
CA PRO J 61 -14.01 -21.44 -22.60
C PRO J 61 -13.91 -21.16 -21.11
N LYS J 62 -14.49 -22.02 -20.26
CA LYS J 62 -14.50 -21.77 -18.83
C LYS J 62 -13.29 -22.34 -18.10
N ILE J 63 -12.44 -23.11 -18.77
CA ILE J 63 -11.30 -23.73 -18.12
C ILE J 63 -10.19 -22.69 -17.96
N SER J 64 -9.78 -22.45 -16.72
CA SER J 64 -8.64 -21.57 -16.47
C SER J 64 -7.34 -22.28 -16.81
N SER J 65 -7.16 -23.49 -16.28
CA SER J 65 -5.89 -24.20 -16.47
C SER J 65 -6.08 -25.68 -16.21
N GLU J 66 -5.09 -26.47 -16.62
CA GLU J 66 -5.08 -27.90 -16.39
C GLU J 66 -3.71 -28.32 -15.88
N VAL J 67 -3.69 -29.18 -14.86
CA VAL J 67 -2.45 -29.71 -14.30
C VAL J 67 -2.51 -31.23 -14.43
N HIS J 68 -1.56 -31.79 -15.17
CA HIS J 68 -1.48 -33.23 -15.37
C HIS J 68 -0.35 -33.79 -14.51
N ILE J 69 -0.69 -34.69 -13.60
CA ILE J 69 0.26 -35.34 -12.70
C ILE J 69 0.41 -36.78 -13.16
N PRO J 70 1.53 -37.16 -13.77
CA PRO J 70 1.69 -38.55 -14.23
C PRO J 70 1.80 -39.51 -13.05
N LEU J 71 0.92 -40.51 -13.03
CA LEU J 71 0.88 -41.52 -11.97
C LEU J 71 0.99 -42.87 -12.66
N GLY J 72 2.23 -43.32 -12.91
CA GLY J 72 2.43 -44.53 -13.67
C GLY J 72 1.85 -44.40 -15.06
N ASP J 73 1.07 -45.40 -15.48
CA ASP J 73 0.40 -45.33 -16.77
C ASP J 73 -0.73 -44.31 -16.74
N ALA J 74 -1.42 -44.18 -15.61
CA ALA J 74 -2.52 -43.25 -15.48
C ALA J 74 -2.01 -41.84 -15.19
N LYS J 75 -2.94 -40.89 -15.14
CA LYS J 75 -2.62 -39.50 -14.86
C LYS J 75 -3.75 -38.84 -14.09
N LEU J 76 -3.41 -37.94 -13.19
CA LEU J 76 -4.39 -37.19 -12.41
C LEU J 76 -4.49 -35.78 -12.98
N VAL J 77 -5.68 -35.39 -13.42
CA VAL J 77 -5.91 -34.11 -14.05
C VAL J 77 -6.66 -33.22 -13.07
N ILE J 78 -6.06 -32.06 -12.76
CA ILE J 78 -6.68 -31.04 -11.92
C ILE J 78 -7.01 -29.86 -12.81
N THR J 79 -8.30 -29.62 -13.02
CA THR J 79 -8.76 -28.57 -13.92
C THR J 79 -9.35 -27.42 -13.11
N THR J 80 -8.80 -26.23 -13.31
CA THR J 80 -9.31 -25.02 -12.68
C THR J 80 -10.15 -24.25 -13.69
N TYR J 81 -11.35 -23.86 -13.25
CA TYR J 81 -12.35 -23.20 -14.07
C TYR J 81 -12.58 -21.78 -13.55
N TRP J 82 -12.79 -20.84 -14.47
CA TRP J 82 -13.17 -19.48 -14.14
C TRP J 82 -14.45 -19.12 -14.89
N GLY J 83 -15.05 -18.00 -14.48
CA GLY J 83 -16.24 -17.50 -15.15
C GLY J 83 -17.52 -18.24 -14.84
N LEU J 84 -17.52 -19.12 -13.85
CA LEU J 84 -18.73 -19.84 -13.48
C LEU J 84 -19.75 -18.89 -12.88
N HIS J 85 -21.03 -19.13 -13.19
CA HIS J 85 -22.12 -18.28 -12.71
C HIS J 85 -22.61 -18.69 -11.33
N THR J 86 -21.80 -19.41 -10.55
CA THR J 86 -22.19 -19.82 -9.21
C THR J 86 -22.26 -18.63 -8.27
N HIS J 92 -20.38 -11.96 -9.43
CA HIS J 92 -21.17 -13.19 -9.45
C HIS J 92 -20.42 -14.31 -10.16
N LEU J 93 -19.25 -13.99 -10.71
CA LEU J 93 -18.44 -14.97 -11.42
C LEU J 93 -17.62 -15.77 -10.41
N GLY J 94 -17.67 -17.09 -10.53
CA GLY J 94 -16.96 -17.96 -9.61
C GLY J 94 -15.91 -18.84 -10.26
N GLN J 95 -15.04 -19.42 -9.45
CA GLN J 95 -13.98 -20.31 -9.91
C GLN J 95 -14.11 -21.65 -9.20
N GLY J 96 -13.64 -22.71 -9.86
CA GLY J 96 -13.77 -24.04 -9.29
C GLY J 96 -12.61 -24.93 -9.66
N VAL J 97 -12.55 -26.08 -8.97
CA VAL J 97 -11.52 -27.09 -9.21
C VAL J 97 -12.19 -28.44 -9.38
N SER J 98 -11.70 -29.22 -10.35
CA SER J 98 -12.18 -30.57 -10.59
C SER J 98 -10.99 -31.51 -10.66
N ILE J 99 -11.04 -32.59 -9.88
CA ILE J 99 -10.00 -33.61 -9.85
C ILE J 99 -10.52 -34.84 -10.58
N GLU J 100 -9.71 -35.41 -11.47
CA GLU J 100 -10.18 -36.52 -12.29
C GLU J 100 -9.01 -37.44 -12.61
N TRP J 101 -9.13 -38.70 -12.17
CA TRP J 101 -8.17 -39.73 -12.53
C TRP J 101 -8.46 -40.23 -13.95
N ARG J 102 -7.41 -40.56 -14.70
CA ARG J 102 -7.55 -40.92 -16.10
C ARG J 102 -6.62 -42.10 -16.39
N LYS J 103 -7.20 -43.22 -16.79
CA LYS J 103 -6.47 -44.40 -17.25
C LYS J 103 -6.82 -44.59 -18.73
N LYS J 104 -6.04 -43.95 -19.59
CA LYS J 104 -6.28 -43.93 -21.05
C LYS J 104 -7.65 -43.29 -21.27
N ARG J 105 -8.60 -43.95 -21.94
CA ARG J 105 -9.91 -43.35 -22.14
C ARG J 105 -10.73 -43.35 -20.85
N TYR J 106 -10.44 -44.26 -19.93
CA TYR J 106 -11.19 -44.36 -18.69
C TYR J 106 -10.95 -43.13 -17.81
N SER J 107 -12.02 -42.62 -17.22
CA SER J 107 -11.95 -41.44 -16.38
C SER J 107 -12.80 -41.65 -15.13
N THR J 108 -12.45 -40.94 -14.06
CA THR J 108 -13.14 -41.10 -12.78
C THR J 108 -13.01 -39.82 -11.97
N GLN J 109 -14.11 -39.40 -11.34
CA GLN J 109 -14.05 -38.28 -10.41
C GLN J 109 -13.41 -38.71 -9.11
N VAL J 110 -12.51 -37.88 -8.59
CA VAL J 110 -11.71 -38.20 -7.41
C VAL J 110 -11.92 -37.13 -6.35
N ASP J 111 -12.17 -37.56 -5.12
CA ASP J 111 -12.22 -36.65 -3.99
C ASP J 111 -10.82 -36.24 -3.56
N PRO J 112 -10.68 -35.10 -2.89
CA PRO J 112 -9.34 -34.68 -2.44
C PRO J 112 -8.65 -35.67 -1.52
N ASP J 113 -9.41 -36.42 -0.72
CA ASP J 113 -8.79 -37.37 0.20
C ASP J 113 -8.02 -38.46 -0.54
N LEU J 114 -8.60 -39.01 -1.61
CA LEU J 114 -7.89 -40.01 -2.40
C LEU J 114 -6.71 -39.38 -3.15
N ALA J 115 -6.89 -38.16 -3.66
CA ALA J 115 -5.82 -37.48 -4.37
C ALA J 115 -4.62 -37.20 -3.47
N ASP J 116 -4.85 -36.96 -2.18
CA ASP J 116 -3.75 -36.75 -1.24
C ASP J 116 -2.81 -37.95 -1.25
N GLN J 117 -3.36 -39.14 -1.04
CA GLN J 117 -2.54 -40.35 -1.06
C GLN J 117 -1.97 -40.62 -2.44
N LEU J 118 -2.76 -40.37 -3.49
CA LEU J 118 -2.30 -40.63 -4.84
C LEU J 118 -1.10 -39.76 -5.21
N ILE J 119 -1.04 -38.54 -4.67
CA ILE J 119 0.10 -37.67 -4.90
C ILE J 119 1.27 -38.01 -3.97
N HIS J 120 0.97 -38.31 -2.70
CA HIS J 120 2.04 -38.59 -1.75
C HIS J 120 2.79 -39.88 -2.09
N LEU J 121 2.09 -40.87 -2.65
CA LEU J 121 2.75 -42.15 -2.95
C LEU J 121 3.78 -42.00 -4.06
N HIS J 122 3.42 -41.32 -5.15
CA HIS J 122 4.32 -41.16 -6.29
C HIS J 122 5.14 -39.88 -6.25
N TYR J 123 4.87 -38.99 -5.30
CA TYR J 123 5.63 -37.75 -5.20
C TYR J 123 5.80 -37.32 -3.74
N PRO J 135 8.69 -23.04 -0.25
CA PRO J 135 7.27 -23.06 -0.61
C PRO J 135 6.61 -24.39 -0.31
N PRO J 136 5.38 -24.37 0.20
CA PRO J 136 4.68 -25.61 0.53
C PRO J 136 4.40 -26.46 -0.70
N LEU J 137 4.33 -27.76 -0.49
CA LEU J 137 4.00 -28.67 -1.57
C LEU J 137 2.56 -28.42 -2.05
N PRO J 138 2.30 -28.60 -3.34
CA PRO J 138 0.94 -28.37 -3.84
C PRO J 138 0.00 -29.50 -3.45
N SER J 139 -0.87 -29.24 -2.49
CA SER J 139 -1.78 -30.24 -1.95
C SER J 139 -3.21 -29.94 -2.41
N VAL J 140 -3.91 -30.98 -2.87
CA VAL J 140 -5.27 -30.80 -3.34
C VAL J 140 -6.20 -30.44 -2.18
N ARG J 141 -5.96 -31.02 -1.00
CA ARG J 141 -6.87 -30.80 0.13
C ARG J 141 -6.88 -29.33 0.55
N LYS J 142 -5.70 -28.70 0.61
CA LYS J 142 -5.64 -27.31 1.05
C LYS J 142 -6.38 -26.39 0.09
N LEU J 143 -6.25 -26.63 -1.22
CA LEU J 143 -6.94 -25.79 -2.20
C LEU J 143 -8.44 -26.05 -2.19
N THR J 144 -8.85 -27.32 -2.09
CA THR J 144 -10.27 -27.66 -2.20
C THR J 144 -11.05 -27.35 -0.93
N GLU J 145 -10.40 -27.44 0.25
CA GLU J 145 -11.12 -27.26 1.50
C GLU J 145 -11.70 -25.85 1.61
N ASP J 146 -12.87 -25.75 2.22
CA ASP J 146 -13.55 -24.48 2.39
C ASP J 146 -13.30 -23.92 3.79
N ILE K 27 -30.50 -29.39 -3.10
CA ILE K 27 -29.66 -28.57 -3.98
C ILE K 27 -30.36 -27.26 -4.29
N LYS K 28 -29.59 -26.30 -4.83
CA LYS K 28 -30.15 -25.01 -5.19
C LYS K 28 -29.41 -24.50 -6.42
N TYR K 29 -30.15 -23.86 -7.33
CA TYR K 29 -29.57 -23.29 -8.53
C TYR K 29 -28.89 -21.96 -8.22
N THR K 30 -27.72 -21.75 -8.81
CA THR K 30 -26.96 -20.52 -8.64
C THR K 30 -26.76 -19.88 -10.01
N GLY K 31 -27.11 -18.60 -10.12
CA GLY K 31 -26.99 -17.88 -11.37
C GLY K 31 -26.86 -16.38 -11.19
N HIS K 37 -35.59 -12.19 -9.46
CA HIS K 37 -35.87 -13.62 -9.43
C HIS K 37 -36.48 -14.04 -10.76
N GLU K 38 -37.34 -13.18 -11.32
CA GLU K 38 -37.97 -13.50 -12.61
C GLU K 38 -36.94 -13.64 -13.72
N GLU K 39 -35.96 -12.74 -13.77
CA GLU K 39 -34.89 -12.87 -14.75
C GLU K 39 -34.09 -14.14 -14.52
N ARG K 40 -33.86 -14.51 -13.26
CA ARG K 40 -33.11 -15.72 -12.95
C ARG K 40 -33.84 -16.96 -13.46
N GLN K 41 -35.15 -17.05 -13.21
CA GLN K 41 -35.88 -18.23 -13.67
C GLN K 41 -36.04 -18.24 -15.18
N ALA K 42 -36.18 -17.06 -15.80
CA ALA K 42 -36.22 -17.01 -17.26
C ALA K 42 -34.91 -17.50 -17.87
N ARG K 43 -33.78 -17.07 -17.29
CA ARG K 43 -32.48 -17.55 -17.74
C ARG K 43 -32.33 -19.05 -17.53
N PHE K 44 -32.77 -19.56 -16.39
CA PHE K 44 -32.76 -21.01 -16.17
C PHE K 44 -33.55 -21.72 -17.26
N GLN K 45 -34.77 -21.23 -17.53
CA GLN K 45 -35.64 -21.89 -18.50
C GLN K 45 -35.03 -21.90 -19.90
N ASN K 46 -34.57 -20.73 -20.37
CA ASN K 46 -34.11 -20.68 -21.76
C ASN K 46 -32.74 -21.35 -21.90
N ALA K 47 -31.91 -21.32 -20.87
CA ALA K 47 -30.64 -22.06 -20.91
C ALA K 47 -30.89 -23.55 -20.95
N CYS K 48 -31.86 -24.04 -20.17
CA CYS K 48 -32.17 -25.47 -20.20
C CYS K 48 -32.81 -25.87 -21.52
N ARG K 49 -33.64 -25.01 -22.10
CA ARG K 49 -34.33 -25.34 -23.35
C ARG K 49 -33.38 -25.31 -24.54
N ASP K 50 -32.49 -24.32 -24.61
CA ASP K 50 -31.63 -24.15 -25.77
C ASP K 50 -30.27 -24.81 -25.58
N GLY K 51 -29.68 -24.67 -24.40
CA GLY K 51 -28.35 -25.21 -24.16
C GLY K 51 -27.24 -24.22 -24.43
N ARG K 52 -26.08 -24.73 -24.83
CA ARG K 52 -24.91 -23.90 -25.14
C ARG K 52 -24.52 -23.02 -23.96
N SER K 53 -24.69 -23.53 -22.74
CA SER K 53 -24.36 -22.79 -21.54
C SER K 53 -24.12 -23.78 -20.41
N GLU K 54 -23.51 -23.29 -19.34
CA GLU K 54 -23.20 -24.11 -18.17
C GLU K 54 -24.29 -23.93 -17.12
N ILE K 55 -24.65 -25.03 -16.45
CA ILE K 55 -25.67 -25.02 -15.41
C ILE K 55 -25.03 -25.48 -14.11
N ALA K 56 -25.24 -24.72 -13.04
CA ALA K 56 -24.64 -24.99 -11.75
C ALA K 56 -25.69 -25.43 -10.74
N PHE K 57 -25.35 -26.41 -9.91
CA PHE K 57 -26.24 -26.88 -8.84
C PHE K 57 -25.39 -27.12 -7.60
N VAL K 58 -25.38 -26.16 -6.68
CA VAL K 58 -24.59 -26.30 -5.47
C VAL K 58 -25.34 -27.14 -4.44
N ALA K 59 -24.60 -27.73 -3.52
CA ALA K 59 -25.19 -28.55 -2.46
C ALA K 59 -25.44 -27.73 -1.21
N ASN K 63 -18.90 -27.05 -0.23
CA ASN K 63 -18.92 -26.23 -1.43
C ASN K 63 -19.02 -27.08 -2.69
N LEU K 64 -19.51 -28.30 -2.52
CA LEU K 64 -19.68 -29.20 -3.66
C LEU K 64 -20.76 -28.67 -4.60
N SER K 65 -20.53 -28.82 -5.90
CA SER K 65 -21.48 -28.37 -6.90
C SER K 65 -21.39 -29.26 -8.12
N LEU K 66 -22.53 -29.46 -8.77
CA LEU K 66 -22.62 -30.21 -10.02
C LEU K 66 -22.67 -29.23 -11.18
N GLN K 67 -21.81 -29.46 -12.17
CA GLN K 67 -21.71 -28.61 -13.35
C GLN K 67 -22.20 -29.38 -14.57
N PHE K 68 -23.08 -28.75 -15.34
CA PHE K 68 -23.59 -29.30 -16.59
C PHE K 68 -23.04 -28.45 -17.74
N PHE K 69 -22.12 -29.03 -18.51
CA PHE K 69 -21.49 -28.37 -19.63
C PHE K 69 -21.98 -28.95 -20.95
N PRO K 70 -22.05 -28.13 -22.00
CA PRO K 70 -22.39 -28.68 -23.32
C PRO K 70 -21.33 -29.67 -23.80
N ALA K 71 -21.79 -30.68 -24.54
CA ALA K 71 -20.87 -31.70 -25.04
C ALA K 71 -19.89 -31.16 -26.06
N SER K 72 -20.21 -30.02 -26.70
CA SER K 72 -19.31 -29.45 -27.69
C SER K 72 -18.07 -28.82 -27.06
N TRP K 73 -18.10 -28.51 -25.76
CA TRP K 73 -16.96 -27.90 -25.10
C TRP K 73 -15.83 -28.90 -24.88
N GLN K 74 -16.14 -30.19 -24.81
CA GLN K 74 -15.11 -31.21 -24.59
C GLN K 74 -14.45 -31.62 -25.91
N VAL K 95 -38.05 -29.34 -12.93
CA VAL K 95 -36.96 -29.85 -13.76
C VAL K 95 -36.32 -31.06 -13.09
N TYR K 96 -36.07 -32.10 -13.89
CA TYR K 96 -35.44 -33.33 -13.42
C TYR K 96 -34.04 -33.46 -14.00
N LEU K 97 -33.11 -33.92 -13.18
CA LEU K 97 -31.71 -34.04 -13.56
C LEU K 97 -31.25 -35.47 -13.33
N LYS K 98 -30.61 -36.05 -14.34
CA LYS K 98 -30.05 -37.40 -14.24
C LYS K 98 -28.71 -37.42 -14.94
N ALA K 99 -27.69 -37.95 -14.25
CA ALA K 99 -26.34 -37.94 -14.81
C ALA K 99 -25.53 -39.15 -14.35
N PRO K 100 -25.06 -39.98 -15.29
CA PRO K 100 -24.13 -41.05 -14.92
C PRO K 100 -22.71 -40.49 -14.80
N MET K 101 -22.01 -40.89 -13.73
CA MET K 101 -20.68 -40.36 -13.46
C MET K 101 -19.89 -41.37 -12.64
N ILE K 102 -18.62 -41.54 -12.99
CA ILE K 102 -17.76 -42.47 -12.27
C ILE K 102 -17.04 -41.72 -11.17
N LEU K 103 -17.23 -42.19 -9.93
CA LEU K 103 -16.64 -41.54 -8.75
C LEU K 103 -15.97 -42.60 -7.89
N ASN K 104 -14.68 -42.43 -7.64
CA ASN K 104 -13.89 -43.35 -6.81
C ASN K 104 -13.96 -44.79 -7.34
N GLY K 105 -13.99 -44.94 -8.65
CA GLY K 105 -13.93 -46.24 -9.28
C GLY K 105 -15.26 -46.93 -9.50
N VAL K 106 -16.36 -46.38 -9.00
CA VAL K 106 -17.68 -46.96 -9.18
C VAL K 106 -18.52 -46.04 -10.06
N CYS K 107 -19.45 -46.65 -10.80
CA CYS K 107 -20.30 -45.91 -11.73
C CYS K 107 -21.58 -45.50 -11.03
N VAL K 108 -21.50 -44.38 -10.32
CA VAL K 108 -22.66 -43.86 -9.60
C VAL K 108 -23.52 -43.03 -10.55
N ILE K 109 -24.80 -42.89 -10.20
CA ILE K 109 -25.74 -42.10 -10.97
C ILE K 109 -26.37 -41.07 -10.04
N TRP K 110 -26.28 -39.79 -10.43
CA TRP K 110 -26.84 -38.70 -9.64
C TRP K 110 -28.18 -38.29 -10.24
N LYS K 111 -29.23 -38.37 -9.43
CA LYS K 111 -30.58 -38.01 -9.86
C LYS K 111 -31.18 -37.03 -8.86
N GLY K 112 -31.92 -36.05 -9.38
CA GLY K 112 -32.51 -35.04 -8.53
C GLY K 112 -33.57 -34.25 -9.24
N TRP K 113 -34.21 -33.36 -8.49
CA TRP K 113 -35.26 -32.51 -9.02
C TRP K 113 -35.10 -31.12 -8.41
N ILE K 114 -35.55 -30.11 -9.18
CA ILE K 114 -35.54 -28.72 -8.75
C ILE K 114 -36.85 -28.08 -9.21
N ASP K 115 -37.37 -27.16 -8.39
CA ASP K 115 -38.65 -26.55 -8.69
C ASP K 115 -38.51 -25.38 -9.66
N ASP K 120 -34.97 -24.24 -5.72
CA ASP K 120 -34.49 -25.24 -4.77
C ASP K 120 -35.00 -26.63 -5.12
N GLY K 121 -34.36 -27.64 -4.56
CA GLY K 121 -34.77 -29.00 -4.84
C GLY K 121 -34.00 -29.99 -4.01
N MET K 122 -34.01 -31.24 -4.46
CA MET K 122 -33.33 -32.32 -3.75
C MET K 122 -32.71 -33.27 -4.76
N GLY K 123 -31.47 -33.68 -4.50
CA GLY K 123 -30.77 -34.60 -5.37
C GLY K 123 -29.88 -35.52 -4.57
N CYS K 124 -29.66 -36.72 -5.11
CA CYS K 124 -28.84 -37.71 -4.44
C CYS K 124 -28.20 -38.62 -5.47
N LEU K 125 -27.12 -39.27 -5.07
CA LEU K 125 -26.37 -40.19 -5.92
C LEU K 125 -26.55 -41.62 -5.41
N GLU K 126 -26.81 -42.54 -6.33
CA GLU K 126 -26.99 -43.95 -6.01
C GLU K 126 -26.25 -44.79 -7.02
N PHE K 127 -25.64 -45.88 -6.55
CA PHE K 127 -24.88 -46.77 -7.41
C PHE K 127 -25.80 -47.59 -8.30
ZN ZN M . -1.36 -1.69 11.04
ZN ZN N . -4.31 -3.75 -9.69
#